data_7E72
#
_entry.id   7E72
#
_cell.length_a   45.080
_cell.length_b   77.340
_cell.length_c   121.849
_cell.angle_alpha   103.820
_cell.angle_beta   96.890
_cell.angle_gamma   90.590
#
_symmetry.space_group_name_H-M   'P 1'
#
loop_
_entity.id
_entity.type
_entity.pdbx_description
1 polymer 'the chimeric Fab fragment of 3H7 (heavy chain)'
2 polymer 'the chimeric Fab fragment of 3H7 (light chain)'
3 polymer 'Angiopoietin-1 receptor'
4 non-polymer 1,2-ETHANEDIOL
5 water water
#
loop_
_entity_poly.entity_id
_entity_poly.type
_entity_poly.pdbx_seq_one_letter_code
_entity_poly.pdbx_strand_id
1 'polypeptide(L)'
;QVQLQQPGAELVRPGASVKLSCKASGYSFTSYWMNWVKQRPGQGLEWIGMIHPSDSETRLNQKFMDKATLTVDKSSSTAY
MQLSSPTSEDSAVYYCARGLYGNSWGQGTLVTVSAASTKGPSVFPLAPSSKSTSGGTAALGCLVKDYFPEPVTVSWNSGA
LTSGVHTFPAVLQSSGLYSLSSVVTVPSSSLGTQTYICNVNHKPSNTKVDKKVEPKSCDKTHHHHHH
;
A,C
2 'polypeptide(L)'
;DIQMTQSPSSLSASLGERVSLTCRASQDIGISLNWLQQEPDGTIKRLIYATSSLDSGVPKRFSGSRSGSDYSLTISSLES
EDFVDYYCLQYASSPYTFGGGTKLEIKRTVAAPSVFIFPPSDEQLKSGTASVVCLLNNFYPREAKVQWKVDNALQSGNSQ
ESVTEQDSKDSTYSLSSTLTLSKADYEKHKVYACEVTHQGLSSPVTKSFNRGEC
;
B,D
3 'polypeptide(L)'
;GSHMIGLPPPRGLNLLPKSQTTLNLTWQPIFPSSEDDFYVEVERRSVQKSDQQNIKVPGNLTSVLLNNLHPREQYVVRAR
VNTKAQGEWSEDLTAWTLSDILPPQPENIKISNITHSSAVISWTILDGYSISSITIRYKVQGKNEDQHVDVKIKNATITQ
YQLKGLEPETAYQVDIFAENNIGSSNPAFSHELVTLPES
;
E,F
#
# COMPACT_ATOMS: atom_id res chain seq x y z
N GLN A 1 -23.59 2.03 -22.49
CA GLN A 1 -24.70 2.05 -21.55
C GLN A 1 -24.92 0.66 -20.95
N VAL A 2 -24.74 0.57 -19.63
CA VAL A 2 -25.03 -0.67 -18.93
C VAL A 2 -26.52 -0.95 -19.04
N GLN A 3 -26.88 -2.22 -19.20
CA GLN A 3 -28.28 -2.60 -19.26
C GLN A 3 -28.47 -3.98 -18.66
N LEU A 4 -29.38 -4.09 -17.69
CA LEU A 4 -29.76 -5.36 -17.08
C LEU A 4 -31.23 -5.59 -17.44
N GLN A 5 -31.52 -6.64 -18.22
CA GLN A 5 -32.86 -6.88 -18.76
C GLN A 5 -33.50 -8.06 -18.01
N GLN A 6 -34.59 -7.77 -17.30
CA GLN A 6 -35.42 -8.76 -16.62
C GLN A 6 -36.83 -8.76 -17.20
N PRO A 7 -37.45 -9.92 -17.40
CA PRO A 7 -38.85 -9.95 -17.81
C PRO A 7 -39.76 -9.27 -16.79
N GLY A 8 -40.85 -8.70 -17.29
CA GLY A 8 -41.69 -7.89 -16.44
C GLY A 8 -42.46 -8.66 -15.39
N ALA A 9 -42.87 -9.89 -15.70
CA ALA A 9 -43.74 -10.66 -14.80
C ALA A 9 -43.59 -12.15 -15.09
N GLU A 10 -43.86 -12.95 -14.06
CA GLU A 10 -43.94 -14.40 -14.19
C GLU A 10 -45.06 -14.89 -13.31
N LEU A 11 -45.96 -15.69 -13.88
CA LEU A 11 -46.97 -16.40 -13.10
C LEU A 11 -46.38 -17.76 -12.71
N VAL A 12 -46.53 -18.14 -11.45
CA VAL A 12 -45.89 -19.34 -10.92
C VAL A 12 -46.91 -20.13 -10.12
N ARG A 13 -47.03 -21.42 -10.43
CA ARG A 13 -47.92 -22.32 -9.75
C ARG A 13 -47.31 -22.73 -8.41
N PRO A 14 -48.10 -22.76 -7.33
CA PRO A 14 -47.54 -23.14 -6.03
C PRO A 14 -46.80 -24.47 -6.10
N GLY A 15 -45.57 -24.47 -5.61
CA GLY A 15 -44.77 -25.67 -5.56
C GLY A 15 -43.89 -25.90 -6.77
N ALA A 16 -44.17 -25.27 -7.91
CA ALA A 16 -43.37 -25.46 -9.10
C ALA A 16 -42.28 -24.41 -9.14
N SER A 17 -41.02 -24.85 -9.14
CA SER A 17 -39.91 -23.92 -9.14
C SER A 17 -39.95 -23.02 -10.38
N VAL A 18 -39.38 -21.83 -10.25
CA VAL A 18 -39.31 -20.85 -11.33
C VAL A 18 -37.88 -20.32 -11.41
N LYS A 19 -37.39 -20.09 -12.63
CA LYS A 19 -36.03 -19.60 -12.87
C LYS A 19 -36.09 -18.20 -13.47
N LEU A 20 -35.73 -17.20 -12.67
CA LEU A 20 -35.73 -15.80 -13.10
C LEU A 20 -34.41 -15.45 -13.79
N SER A 21 -34.51 -14.60 -14.82
CA SER A 21 -33.36 -14.29 -15.67
C SER A 21 -33.08 -12.80 -15.67
N CYS A 22 -31.80 -12.46 -15.81
CA CYS A 22 -31.32 -11.07 -15.81
C CYS A 22 -30.21 -11.01 -16.85
N LYS A 23 -30.50 -10.47 -18.03
CA LYS A 23 -29.53 -10.47 -19.12
C LYS A 23 -28.73 -9.17 -19.11
N ALA A 24 -27.42 -9.30 -19.05
CA ALA A 24 -26.48 -8.19 -18.96
C ALA A 24 -25.91 -7.84 -20.32
N SER A 25 -25.77 -6.55 -20.59
CA SER A 25 -25.21 -6.07 -21.84
C SER A 25 -24.55 -4.71 -21.60
N GLY A 26 -23.65 -4.34 -22.51
CA GLY A 26 -22.98 -3.06 -22.41
C GLY A 26 -21.85 -3.00 -21.40
N TYR A 27 -21.40 -4.14 -20.89
CA TYR A 27 -20.27 -4.18 -19.96
C TYR A 27 -19.77 -5.61 -19.87
N SER A 28 -18.64 -5.77 -19.17
CA SER A 28 -17.93 -7.04 -19.04
C SER A 28 -18.62 -7.87 -17.97
N PHE A 29 -19.49 -8.79 -18.41
CA PHE A 29 -20.37 -9.54 -17.51
C PHE A 29 -19.59 -10.26 -16.41
N THR A 30 -18.46 -10.86 -16.76
CA THR A 30 -17.70 -11.65 -15.80
C THR A 30 -16.82 -10.79 -14.90
N SER A 31 -16.92 -9.46 -14.97
CA SER A 31 -16.09 -8.59 -14.16
C SER A 31 -16.86 -7.87 -13.05
N TYR A 32 -18.12 -8.23 -12.81
CA TYR A 32 -18.86 -7.55 -11.75
C TYR A 32 -19.73 -8.54 -10.99
N TRP A 33 -19.79 -8.38 -9.68
CA TRP A 33 -20.74 -9.16 -8.88
C TRP A 33 -22.17 -8.85 -9.33
N MET A 34 -23.06 -9.82 -9.12
CA MET A 34 -24.48 -9.63 -9.42
C MET A 34 -25.32 -9.92 -8.18
N ASN A 35 -26.09 -8.92 -7.72
CA ASN A 35 -26.96 -9.05 -6.56
C ASN A 35 -28.40 -9.34 -6.98
N TRP A 36 -29.12 -10.01 -6.08
CA TRP A 36 -30.57 -10.19 -6.23
C TRP A 36 -31.27 -9.68 -4.99
N VAL A 37 -32.40 -9.00 -5.21
CA VAL A 37 -33.16 -8.32 -4.16
C VAL A 37 -34.63 -8.64 -4.34
N LYS A 38 -35.34 -8.80 -3.22
CA LYS A 38 -36.76 -9.13 -3.18
C LYS A 38 -37.55 -7.97 -2.59
N GLN A 39 -38.69 -7.64 -3.21
CA GLN A 39 -39.56 -6.60 -2.67
C GLN A 39 -41.00 -7.07 -2.76
N ARG A 40 -41.63 -7.28 -1.61
CA ARG A 40 -43.06 -7.55 -1.61
C ARG A 40 -43.82 -6.27 -1.94
N PRO A 41 -44.93 -6.37 -2.67
CA PRO A 41 -45.65 -5.17 -3.11
C PRO A 41 -46.00 -4.28 -1.94
N GLY A 42 -45.72 -2.98 -2.08
CA GLY A 42 -45.96 -2.04 -1.00
C GLY A 42 -45.08 -2.23 0.23
N GLN A 43 -44.11 -3.14 0.19
CA GLN A 43 -43.24 -3.44 1.32
C GLN A 43 -41.81 -2.98 1.03
N GLY A 44 -40.92 -3.24 1.98
CA GLY A 44 -39.52 -2.86 1.87
C GLY A 44 -38.74 -3.87 1.05
N LEU A 45 -37.42 -3.69 1.08
CA LEU A 45 -36.50 -4.47 0.25
C LEU A 45 -35.70 -5.45 1.08
N GLU A 46 -35.28 -6.53 0.43
CA GLU A 46 -34.57 -7.62 1.08
C GLU A 46 -33.49 -8.11 0.13
N TRP A 47 -32.25 -8.14 0.61
CA TRP A 47 -31.13 -8.67 -0.16
C TRP A 47 -31.15 -10.19 -0.10
N ILE A 48 -31.09 -10.85 -1.25
CA ILE A 48 -31.10 -12.31 -1.26
C ILE A 48 -29.69 -12.87 -1.24
N GLY A 49 -28.78 -12.24 -1.97
CA GLY A 49 -27.47 -12.80 -2.18
C GLY A 49 -26.87 -12.21 -3.44
N MET A 50 -25.66 -12.68 -3.74
CA MET A 50 -24.92 -12.23 -4.90
C MET A 50 -24.07 -13.38 -5.42
N ILE A 51 -23.61 -13.24 -6.65
CA ILE A 51 -22.82 -14.26 -7.32
C ILE A 51 -21.87 -13.56 -8.25
N HIS A 52 -20.66 -14.08 -8.37
CA HIS A 52 -19.71 -13.52 -9.31
C HIS A 52 -19.69 -14.37 -10.55
N PRO A 53 -19.98 -13.83 -11.73
CA PRO A 53 -20.06 -14.69 -12.93
C PRO A 53 -18.73 -15.32 -13.33
N SER A 54 -17.60 -14.73 -12.94
CA SER A 54 -16.31 -15.30 -13.38
C SER A 54 -16.18 -16.77 -12.98
N ASP A 55 -16.43 -17.09 -11.71
CA ASP A 55 -16.35 -18.48 -11.26
C ASP A 55 -17.58 -18.93 -10.49
N SER A 56 -18.67 -18.15 -10.51
CA SER A 56 -19.93 -18.52 -9.90
C SER A 56 -19.85 -18.67 -8.39
N GLU A 57 -18.84 -18.11 -7.75
CA GLU A 57 -18.89 -18.02 -6.29
C GLU A 57 -20.12 -17.22 -5.86
N THR A 58 -20.77 -17.67 -4.80
CA THR A 58 -22.02 -17.08 -4.34
C THR A 58 -21.99 -16.88 -2.83
N ARG A 59 -22.48 -15.72 -2.39
CA ARG A 59 -22.77 -15.46 -0.98
C ARG A 59 -24.26 -15.19 -0.85
N LEU A 60 -24.90 -15.85 0.11
CA LEU A 60 -26.34 -15.79 0.25
C LEU A 60 -26.75 -15.37 1.66
N ASN A 61 -27.73 -14.48 1.74
CA ASN A 61 -28.47 -14.28 2.97
C ASN A 61 -28.99 -15.63 3.46
N GLN A 62 -28.61 -16.01 4.68
CA GLN A 62 -29.00 -17.34 5.14
C GLN A 62 -30.52 -17.48 5.17
N LYS A 63 -31.24 -16.37 5.21
CA LYS A 63 -32.70 -16.44 5.15
C LYS A 63 -33.19 -17.16 3.90
N PHE A 64 -32.42 -17.13 2.81
CA PHE A 64 -32.85 -17.70 1.54
C PHE A 64 -32.09 -18.96 1.19
N MET A 65 -31.29 -19.47 2.14
CA MET A 65 -30.40 -20.60 1.87
C MET A 65 -31.13 -21.74 1.16
N ASP A 66 -32.33 -22.05 1.61
CA ASP A 66 -33.10 -23.18 1.10
C ASP A 66 -34.21 -22.75 0.15
N LYS A 67 -34.10 -21.55 -0.43
CA LYS A 67 -35.12 -21.00 -1.31
C LYS A 67 -34.59 -20.63 -2.68
N ALA A 68 -33.42 -19.99 -2.76
CA ALA A 68 -32.92 -19.46 -4.01
C ALA A 68 -31.58 -20.07 -4.38
N THR A 69 -31.42 -20.38 -5.68
CA THR A 69 -30.18 -20.85 -6.28
C THR A 69 -29.73 -19.84 -7.33
N LEU A 70 -28.53 -19.28 -7.16
CA LEU A 70 -27.96 -18.36 -8.13
C LEU A 70 -27.00 -19.11 -9.06
N THR A 71 -27.12 -18.86 -10.36
CA THR A 71 -26.21 -19.40 -11.38
C THR A 71 -26.00 -18.34 -12.44
N VAL A 72 -25.09 -18.61 -13.36
CA VAL A 72 -24.87 -17.74 -14.52
C VAL A 72 -24.71 -18.60 -15.75
N ASP A 73 -24.94 -17.99 -16.90
CA ASP A 73 -24.64 -18.59 -18.20
C ASP A 73 -23.74 -17.60 -18.93
N LYS A 74 -22.44 -17.90 -18.97
CA LYS A 74 -21.46 -16.96 -19.51
C LYS A 74 -21.72 -16.67 -20.99
N SER A 75 -22.06 -17.70 -21.75
CA SER A 75 -22.19 -17.55 -23.19
C SER A 75 -23.33 -16.59 -23.57
N SER A 76 -24.37 -16.49 -22.74
CA SER A 76 -25.44 -15.54 -22.99
C SER A 76 -25.38 -14.32 -22.06
N SER A 77 -24.30 -14.17 -21.28
CA SER A 77 -24.20 -13.13 -20.25
C SER A 77 -25.53 -12.95 -19.52
N THR A 78 -26.07 -14.07 -19.04
CA THR A 78 -27.29 -14.03 -18.24
C THR A 78 -27.02 -14.58 -16.85
N ALA A 79 -27.56 -13.91 -15.84
CA ALA A 79 -27.61 -14.44 -14.50
C ALA A 79 -29.00 -14.94 -14.19
N TYR A 80 -29.08 -16.07 -13.50
CA TYR A 80 -30.35 -16.69 -13.18
C TYR A 80 -30.52 -16.80 -11.68
N MET A 81 -31.76 -16.67 -11.22
CA MET A 81 -32.13 -17.04 -9.86
C MET A 81 -33.31 -18.00 -9.93
N GLN A 82 -33.16 -19.18 -9.34
CA GLN A 82 -34.22 -20.17 -9.26
C GLN A 82 -34.80 -20.18 -7.85
N LEU A 83 -36.12 -20.10 -7.75
CA LEU A 83 -36.81 -20.23 -6.48
C LEU A 83 -37.44 -21.62 -6.42
N SER A 84 -37.14 -22.36 -5.35
CA SER A 84 -37.70 -23.69 -5.20
C SER A 84 -39.00 -23.65 -4.40
N SER A 85 -39.83 -24.68 -4.62
CA SER A 85 -41.16 -24.90 -4.03
C SER A 85 -41.85 -23.60 -3.65
N PRO A 86 -42.22 -22.77 -4.62
CA PRO A 86 -42.74 -21.45 -4.29
C PRO A 86 -44.09 -21.50 -3.59
N THR A 87 -44.26 -20.60 -2.63
CA THR A 87 -45.54 -20.36 -2.00
C THR A 87 -45.94 -18.89 -2.18
N SER A 88 -47.12 -18.56 -1.68
CA SER A 88 -47.60 -17.18 -1.77
C SER A 88 -46.64 -16.20 -1.11
N GLU A 89 -45.81 -16.65 -0.17
CA GLU A 89 -44.84 -15.77 0.46
C GLU A 89 -43.75 -15.37 -0.51
N ASP A 90 -43.62 -16.06 -1.63
CA ASP A 90 -42.58 -15.76 -2.60
C ASP A 90 -43.06 -14.76 -3.65
N SER A 91 -44.35 -14.48 -3.72
CA SER A 91 -44.81 -13.42 -4.61
C SER A 91 -44.19 -12.09 -4.21
N ALA A 92 -43.60 -11.40 -5.19
CA ALA A 92 -42.80 -10.21 -4.96
C ALA A 92 -42.11 -9.81 -6.24
N VAL A 93 -41.55 -8.62 -6.26
CA VAL A 93 -40.68 -8.19 -7.36
C VAL A 93 -39.26 -8.58 -6.99
N TYR A 94 -38.55 -9.25 -7.91
CA TYR A 94 -37.15 -9.64 -7.74
C TYR A 94 -36.29 -8.84 -8.71
N TYR A 95 -35.34 -8.09 -8.16
CA TYR A 95 -34.40 -7.26 -8.90
C TYR A 95 -33.02 -7.92 -8.96
N CYS A 96 -32.30 -7.66 -10.05
CA CYS A 96 -30.86 -7.91 -10.13
C CYS A 96 -30.14 -6.57 -10.23
N ALA A 97 -28.92 -6.52 -9.74
CA ALA A 97 -28.19 -5.26 -9.68
C ALA A 97 -26.70 -5.57 -9.72
N ARG A 98 -25.98 -4.83 -10.56
CA ARG A 98 -24.61 -5.14 -10.88
C ARG A 98 -23.65 -4.41 -9.96
N GLY A 99 -22.52 -5.05 -9.67
CA GLY A 99 -21.47 -4.46 -8.86
C GLY A 99 -21.64 -4.73 -7.38
N LEU A 100 -20.50 -4.85 -6.70
CA LEU A 100 -20.45 -4.88 -5.25
C LEU A 100 -21.42 -3.89 -4.64
N TYR A 101 -21.57 -2.71 -5.25
CA TYR A 101 -22.37 -1.65 -4.62
C TYR A 101 -23.59 -1.24 -5.44
N GLY A 102 -24.12 -2.15 -6.26
CA GLY A 102 -25.37 -1.95 -6.95
C GLY A 102 -25.43 -0.64 -7.71
N ASN A 103 -24.58 -0.48 -8.72
CA ASN A 103 -24.53 0.76 -9.48
C ASN A 103 -25.38 0.74 -10.73
N SER A 104 -25.97 -0.40 -11.09
CA SER A 104 -27.03 -0.49 -12.08
C SER A 104 -28.03 -1.55 -11.63
N TRP A 105 -29.31 -1.28 -11.89
CA TRP A 105 -30.43 -2.11 -11.47
C TRP A 105 -31.26 -2.53 -12.67
N GLY A 106 -31.73 -3.77 -12.66
CA GLY A 106 -32.76 -4.16 -13.57
C GLY A 106 -34.13 -3.63 -13.17
N GLN A 107 -35.07 -3.75 -14.09
CA GLN A 107 -36.40 -3.24 -13.84
C GLN A 107 -37.21 -4.11 -12.88
N GLY A 108 -36.76 -5.33 -12.58
CA GLY A 108 -37.47 -6.19 -11.66
C GLY A 108 -38.50 -7.09 -12.34
N THR A 109 -38.66 -8.34 -11.87
CA THR A 109 -39.68 -9.26 -12.37
C THR A 109 -40.71 -9.46 -11.26
N LEU A 110 -41.98 -9.16 -11.55
CA LEU A 110 -43.05 -9.42 -10.60
C LEU A 110 -43.45 -10.89 -10.67
N VAL A 111 -43.23 -11.61 -9.58
CA VAL A 111 -43.56 -13.01 -9.46
C VAL A 111 -44.86 -13.11 -8.70
N THR A 112 -45.84 -13.79 -9.30
CA THR A 112 -47.12 -14.06 -8.66
C THR A 112 -47.28 -15.57 -8.54
N VAL A 113 -47.30 -16.08 -7.31
CA VAL A 113 -47.53 -17.50 -7.09
C VAL A 113 -49.00 -17.67 -6.78
N SER A 114 -49.71 -18.36 -7.67
CA SER A 114 -51.14 -18.53 -7.50
C SER A 114 -51.58 -19.74 -8.30
N ALA A 115 -52.53 -20.50 -7.75
CA ALA A 115 -53.10 -21.64 -8.45
C ALA A 115 -54.37 -21.27 -9.19
N ALA A 116 -54.73 -19.99 -9.21
CA ALA A 116 -55.99 -19.58 -9.82
C ALA A 116 -55.95 -19.75 -11.33
N SER A 117 -57.05 -20.25 -11.88
CA SER A 117 -57.23 -20.39 -13.32
C SER A 117 -57.53 -19.03 -13.93
N THR A 118 -57.13 -18.88 -15.19
CA THR A 118 -57.41 -17.66 -15.92
C THR A 118 -58.91 -17.47 -16.07
N LYS A 119 -59.39 -16.25 -15.86
CA LYS A 119 -60.83 -16.00 -15.79
C LYS A 119 -61.14 -14.55 -16.12
N GLY A 120 -62.11 -14.33 -17.02
CA GLY A 120 -62.54 -13.00 -17.41
C GLY A 120 -63.47 -12.36 -16.40
N PRO A 121 -63.48 -11.03 -16.36
CA PRO A 121 -64.31 -10.34 -15.37
C PRO A 121 -65.76 -10.29 -15.79
N SER A 122 -66.62 -10.10 -14.79
CA SER A 122 -67.96 -9.58 -15.02
C SER A 122 -67.92 -8.07 -14.83
N VAL A 123 -68.70 -7.35 -15.63
CA VAL A 123 -68.74 -5.90 -15.56
C VAL A 123 -70.14 -5.48 -15.15
N PHE A 124 -70.24 -4.67 -14.10
CA PHE A 124 -71.54 -4.20 -13.68
C PHE A 124 -71.56 -2.69 -13.59
N PRO A 125 -72.70 -2.06 -13.91
CA PRO A 125 -72.78 -0.59 -13.81
C PRO A 125 -72.79 -0.13 -12.36
N LEU A 126 -72.12 1.00 -12.11
CA LEU A 126 -72.29 1.79 -10.88
C LEU A 126 -73.12 3.01 -11.30
N ALA A 127 -74.44 2.89 -11.19
CA ALA A 127 -75.33 3.84 -11.86
C ALA A 127 -75.38 5.19 -11.13
N PRO A 128 -75.36 6.30 -11.87
CA PRO A 128 -75.49 7.62 -11.24
C PRO A 128 -76.80 7.74 -10.48
N SER A 129 -76.72 8.31 -9.28
CA SER A 129 -77.84 8.34 -8.35
C SER A 129 -78.96 9.27 -8.85
N SER A 130 -80.20 8.91 -8.51
CA SER A 130 -81.36 9.76 -8.76
C SER A 130 -81.47 10.92 -7.79
N LYS A 131 -80.56 11.06 -6.83
CA LYS A 131 -80.48 12.22 -5.95
C LYS A 131 -79.36 13.16 -6.35
N SER A 132 -78.80 13.01 -7.54
CA SER A 132 -77.69 13.85 -7.95
C SER A 132 -78.12 15.31 -7.95
N THR A 133 -77.25 16.18 -7.46
CA THR A 133 -77.57 17.60 -7.32
C THR A 133 -77.93 18.21 -8.67
N SER A 134 -79.11 18.85 -8.72
CA SER A 134 -79.66 19.38 -9.96
C SER A 134 -78.63 20.20 -10.74
N GLY A 135 -77.96 21.13 -10.07
CA GLY A 135 -76.92 21.93 -10.69
C GLY A 135 -75.51 21.47 -10.42
N GLY A 136 -75.32 20.28 -9.84
CA GLY A 136 -74.01 19.88 -9.36
C GLY A 136 -73.28 18.85 -10.18
N THR A 137 -72.53 18.00 -9.48
CA THR A 137 -71.72 16.96 -10.09
C THR A 137 -72.26 15.60 -9.68
N ALA A 138 -72.33 14.69 -10.64
CA ALA A 138 -72.76 13.33 -10.39
C ALA A 138 -71.56 12.40 -10.58
N ALA A 139 -71.65 11.21 -10.00
CA ALA A 139 -70.60 10.22 -10.19
C ALA A 139 -71.22 8.95 -10.73
N LEU A 140 -70.45 8.22 -11.54
CA LEU A 140 -70.90 6.96 -12.12
C LEU A 140 -69.68 6.11 -12.46
N GLY A 141 -69.89 4.82 -12.70
CA GLY A 141 -68.75 3.95 -12.89
C GLY A 141 -69.08 2.55 -13.37
N CYS A 142 -68.08 1.69 -13.30
CA CYS A 142 -68.17 0.29 -13.66
C CYS A 142 -67.43 -0.52 -12.64
N LEU A 143 -68.08 -1.59 -12.17
CA LEU A 143 -67.47 -2.55 -11.26
C LEU A 143 -66.95 -3.73 -12.09
N VAL A 144 -65.67 -4.04 -11.93
CA VAL A 144 -65.01 -5.05 -12.76
C VAL A 144 -64.56 -6.17 -11.81
N LYS A 145 -65.40 -7.20 -11.67
CA LYS A 145 -65.31 -8.17 -10.58
C LYS A 145 -64.82 -9.55 -11.06
N ASP A 146 -63.92 -10.16 -10.28
CA ASP A 146 -63.62 -11.59 -10.37
C ASP A 146 -62.89 -11.97 -11.66
N TYR A 147 -61.66 -11.50 -11.83
CA TYR A 147 -60.83 -11.88 -12.96
C TYR A 147 -59.46 -12.29 -12.44
N PHE A 148 -58.70 -13.00 -13.29
CA PHE A 148 -57.33 -13.43 -13.02
C PHE A 148 -56.71 -13.80 -14.35
N PRO A 149 -55.43 -13.45 -14.60
CA PRO A 149 -54.61 -12.62 -13.71
C PRO A 149 -54.75 -11.10 -14.00
N GLU A 150 -53.91 -10.28 -13.36
CA GLU A 150 -53.73 -8.89 -13.77
C GLU A 150 -53.10 -8.86 -15.17
N PRO A 151 -53.32 -7.80 -15.95
CA PRO A 151 -54.10 -6.59 -15.70
C PRO A 151 -55.42 -6.57 -16.43
N VAL A 152 -56.27 -5.61 -16.06
CA VAL A 152 -57.38 -5.22 -16.91
C VAL A 152 -57.19 -3.76 -17.23
N THR A 153 -57.73 -3.32 -18.36
CA THR A 153 -57.71 -1.90 -18.67
C THR A 153 -59.14 -1.42 -18.81
N VAL A 154 -59.34 -0.14 -18.49
CA VAL A 154 -60.66 0.46 -18.58
C VAL A 154 -60.52 1.84 -19.22
N SER A 155 -61.41 2.12 -20.16
CA SER A 155 -61.54 3.47 -20.68
C SER A 155 -63.00 3.85 -20.64
N TRP A 156 -63.25 5.13 -20.90
CA TRP A 156 -64.60 5.66 -20.94
C TRP A 156 -64.88 6.28 -22.30
N ASN A 157 -66.01 5.91 -22.89
CA ASN A 157 -66.42 6.43 -24.19
C ASN A 157 -65.31 6.32 -25.22
N SER A 158 -64.72 5.13 -25.29
CA SER A 158 -63.67 4.82 -26.26
C SER A 158 -62.50 5.77 -26.16
N GLY A 159 -62.30 6.36 -24.99
CA GLY A 159 -61.17 7.23 -24.78
C GLY A 159 -61.47 8.71 -24.90
N ALA A 160 -62.70 9.07 -25.26
CA ALA A 160 -63.04 10.49 -25.31
C ALA A 160 -63.17 11.07 -23.91
N LEU A 161 -63.66 10.29 -22.95
CA LEU A 161 -63.88 10.76 -21.59
C LEU A 161 -62.65 10.42 -20.75
N THR A 162 -61.89 11.45 -20.42
CA THR A 162 -60.62 11.32 -19.73
C THR A 162 -60.60 12.02 -18.38
N SER A 163 -61.11 13.24 -18.31
CA SER A 163 -61.02 14.02 -17.07
C SER A 163 -61.97 13.48 -16.02
N GLY A 164 -61.52 13.49 -14.77
CA GLY A 164 -62.36 13.05 -13.68
C GLY A 164 -62.47 11.54 -13.53
N VAL A 165 -61.69 10.78 -14.31
CA VAL A 165 -61.74 9.32 -14.26
C VAL A 165 -60.82 8.82 -13.15
N HIS A 166 -61.30 7.88 -12.36
CA HIS A 166 -60.43 7.17 -11.43
C HIS A 166 -60.63 5.68 -11.63
N THR A 167 -59.57 5.00 -12.08
CA THR A 167 -59.57 3.55 -12.16
C THR A 167 -58.72 3.04 -11.02
N PHE A 168 -59.35 2.43 -10.07
CA PHE A 168 -58.64 2.09 -8.84
C PHE A 168 -57.73 0.89 -9.05
N PRO A 169 -56.61 0.82 -8.32
CA PRO A 169 -55.82 -0.41 -8.30
C PRO A 169 -56.66 -1.57 -7.83
N ALA A 170 -56.50 -2.71 -8.48
CA ALA A 170 -57.32 -3.87 -8.13
C ALA A 170 -56.99 -4.35 -6.72
N VAL A 171 -57.96 -4.98 -6.08
CA VAL A 171 -57.72 -5.69 -4.83
C VAL A 171 -57.83 -7.18 -5.10
N LEU A 172 -56.99 -7.95 -4.42
CA LEU A 172 -57.12 -9.40 -4.41
C LEU A 172 -58.20 -9.76 -3.40
N GLN A 173 -59.26 -10.42 -3.87
CA GLN A 173 -60.38 -10.89 -3.06
C GLN A 173 -60.02 -12.19 -2.37
N SER A 174 -60.75 -12.48 -1.29
CA SER A 174 -60.47 -13.70 -0.54
C SER A 174 -60.60 -14.92 -1.43
N SER A 175 -61.36 -14.83 -2.52
CA SER A 175 -61.48 -15.92 -3.48
C SER A 175 -60.22 -16.15 -4.30
N GLY A 176 -59.21 -15.30 -4.20
CA GLY A 176 -58.07 -15.36 -5.09
C GLY A 176 -58.24 -14.70 -6.45
N LEU A 177 -59.39 -14.08 -6.71
CA LEU A 177 -59.65 -13.33 -7.93
C LEU A 177 -59.58 -11.82 -7.67
N TYR A 178 -59.23 -11.06 -8.71
CA TYR A 178 -59.12 -9.62 -8.56
C TYR A 178 -60.44 -8.93 -8.87
N SER A 179 -60.56 -7.72 -8.32
CA SER A 179 -61.70 -6.85 -8.52
C SER A 179 -61.25 -5.39 -8.47
N LEU A 180 -61.81 -4.57 -9.35
CA LEU A 180 -61.57 -3.14 -9.32
C LEU A 180 -62.82 -2.43 -9.81
N SER A 181 -62.89 -1.14 -9.52
CA SER A 181 -63.91 -0.27 -10.09
C SER A 181 -63.22 0.86 -10.83
N SER A 182 -63.93 1.46 -11.78
CA SER A 182 -63.49 2.68 -12.45
C SER A 182 -64.65 3.67 -12.38
N VAL A 183 -64.38 4.88 -11.89
CA VAL A 183 -65.43 5.86 -11.70
C VAL A 183 -65.09 7.10 -12.52
N VAL A 184 -66.11 7.94 -12.74
CA VAL A 184 -65.87 9.26 -13.29
C VAL A 184 -66.92 10.20 -12.72
N THR A 185 -66.55 11.47 -12.56
CA THR A 185 -67.52 12.48 -12.16
C THR A 185 -67.85 13.35 -13.37
N VAL A 186 -69.14 13.65 -13.52
CA VAL A 186 -69.64 14.38 -14.68
C VAL A 186 -70.75 15.32 -14.25
N PRO A 187 -71.12 16.29 -15.09
CA PRO A 187 -72.26 17.17 -14.77
C PRO A 187 -73.55 16.37 -14.63
N SER A 188 -74.30 16.67 -13.57
CA SER A 188 -75.61 16.06 -13.41
C SER A 188 -76.53 16.40 -14.57
N SER A 189 -76.38 17.59 -15.14
CA SER A 189 -77.21 17.97 -16.28
C SER A 189 -77.02 17.04 -17.46
N SER A 190 -75.88 16.37 -17.55
CA SER A 190 -75.58 15.56 -18.73
C SER A 190 -76.18 14.16 -18.66
N LEU A 191 -76.64 13.71 -17.51
CA LEU A 191 -77.26 12.39 -17.43
C LEU A 191 -78.54 12.37 -18.27
N GLY A 192 -78.75 11.28 -18.98
CA GLY A 192 -79.90 11.22 -19.87
C GLY A 192 -79.66 11.86 -21.23
N THR A 193 -78.77 12.86 -21.29
CA THR A 193 -78.33 13.41 -22.57
C THR A 193 -77.11 12.66 -23.08
N GLN A 194 -76.00 12.74 -22.34
CA GLN A 194 -74.76 12.11 -22.75
C GLN A 194 -74.76 10.62 -22.42
N THR A 195 -74.36 9.81 -23.40
CA THR A 195 -74.13 8.40 -23.15
C THR A 195 -72.78 8.22 -22.47
N TYR A 196 -72.71 7.21 -21.59
CA TYR A 196 -71.46 6.90 -20.88
C TYR A 196 -71.21 5.40 -20.97
N ILE A 197 -70.09 5.02 -21.58
CA ILE A 197 -69.74 3.62 -21.77
C ILE A 197 -68.36 3.36 -21.18
N CYS A 198 -68.25 2.36 -20.32
CA CYS A 198 -66.92 1.94 -19.89
C CYS A 198 -66.48 0.80 -20.81
N ASN A 199 -65.24 0.89 -21.29
CA ASN A 199 -64.65 -0.11 -22.18
C ASN A 199 -63.67 -0.92 -21.36
N VAL A 200 -63.99 -2.19 -21.15
CA VAL A 200 -63.18 -3.06 -20.32
C VAL A 200 -62.49 -4.07 -21.22
N ASN A 201 -61.21 -4.28 -20.99
CA ASN A 201 -60.45 -5.26 -21.76
C ASN A 201 -59.57 -6.06 -20.80
N HIS A 202 -59.73 -7.38 -20.79
CA HIS A 202 -58.88 -8.31 -20.04
C HIS A 202 -58.20 -9.24 -21.04
N LYS A 203 -57.00 -8.90 -21.47
CA LYS A 203 -56.37 -9.68 -22.54
C LYS A 203 -56.17 -11.15 -22.16
N PRO A 204 -55.69 -11.50 -20.97
CA PRO A 204 -55.40 -12.92 -20.69
C PRO A 204 -56.58 -13.84 -20.91
N SER A 205 -57.81 -13.32 -21.00
CA SER A 205 -58.97 -14.13 -21.32
C SER A 205 -59.69 -13.63 -22.55
N ASN A 206 -59.14 -12.63 -23.24
CA ASN A 206 -59.81 -11.95 -24.37
C ASN A 206 -61.27 -11.63 -24.04
N THR A 207 -61.49 -11.11 -22.84
CA THR A 207 -62.77 -10.49 -22.52
C THR A 207 -62.69 -9.00 -22.86
N LYS A 208 -63.68 -8.53 -23.60
CA LYS A 208 -63.81 -7.12 -23.92
C LYS A 208 -65.29 -6.81 -23.76
N VAL A 209 -65.60 -5.83 -22.93
CA VAL A 209 -66.99 -5.47 -22.68
C VAL A 209 -67.10 -3.97 -22.79
N ASP A 210 -68.20 -3.52 -23.37
CA ASP A 210 -68.59 -2.12 -23.36
C ASP A 210 -69.92 -2.06 -22.63
N LYS A 211 -69.91 -1.53 -21.42
CA LYS A 211 -71.11 -1.46 -20.60
C LYS A 211 -71.59 -0.01 -20.62
N LYS A 212 -72.80 0.21 -21.13
CA LYS A 212 -73.43 1.51 -21.00
C LYS A 212 -73.91 1.67 -19.56
N VAL A 213 -73.61 2.81 -18.95
CA VAL A 213 -74.00 3.10 -17.58
C VAL A 213 -75.00 4.25 -17.63
N GLU A 214 -76.25 3.97 -17.30
CA GLU A 214 -77.31 4.98 -17.31
C GLU A 214 -78.02 4.96 -15.98
N PRO A 215 -78.78 6.02 -15.67
CA PRO A 215 -79.59 6.01 -14.45
C PRO A 215 -80.69 4.95 -14.52
N LYS A 216 -80.94 4.30 -13.40
CA LYS A 216 -81.86 3.17 -13.35
C LYS A 216 -83.31 3.63 -13.49
N SER A 217 -84.13 2.76 -14.07
CA SER A 217 -85.52 3.11 -14.33
C SER A 217 -86.30 3.21 -13.05
N CYS A 218 -86.85 4.40 -12.80
CA CYS A 218 -87.65 4.65 -11.61
C CYS A 218 -87.94 6.13 -11.50
N ASP B 1 -27.70 -9.69 12.13
CA ASP B 1 -28.06 -8.82 11.02
C ASP B 1 -28.13 -7.37 11.50
N ILE B 2 -27.43 -6.47 10.80
CA ILE B 2 -27.50 -5.05 11.13
C ILE B 2 -28.88 -4.52 10.76
N GLN B 3 -29.45 -3.71 11.65
CA GLN B 3 -30.73 -3.07 11.40
C GLN B 3 -30.49 -1.60 11.03
N MET B 4 -31.20 -1.14 10.00
CA MET B 4 -31.17 0.25 9.57
C MET B 4 -32.52 0.85 9.90
N THR B 5 -32.56 1.73 10.91
CA THR B 5 -33.81 2.37 11.30
C THR B 5 -33.92 3.67 10.54
N GLN B 6 -34.77 3.69 9.52
CA GLN B 6 -34.94 4.83 8.65
C GLN B 6 -36.14 5.63 9.13
N SER B 7 -35.92 6.91 9.38
CA SER B 7 -37.02 7.80 9.75
C SER B 7 -36.94 9.06 8.91
N PRO B 8 -38.09 9.71 8.67
CA PRO B 8 -39.42 9.19 8.99
C PRO B 8 -39.85 8.20 7.92
N SER B 9 -40.88 7.39 8.20
CA SER B 9 -41.36 6.45 7.20
C SER B 9 -42.19 7.13 6.11
N SER B 10 -42.85 8.24 6.45
CA SER B 10 -43.61 9.01 5.47
C SER B 10 -43.39 10.49 5.78
N LEU B 11 -43.44 11.30 4.74
CA LEU B 11 -43.09 12.72 4.89
C LEU B 11 -43.85 13.52 3.86
N SER B 12 -44.56 14.56 4.30
CA SER B 12 -45.31 15.43 3.41
C SER B 12 -44.56 16.75 3.34
N ALA B 13 -44.29 17.23 2.14
CA ALA B 13 -43.55 18.47 1.98
C ALA B 13 -44.05 19.20 0.76
N SER B 14 -43.56 20.45 0.60
CA SER B 14 -43.92 21.35 -0.49
C SER B 14 -42.80 21.45 -1.51
N LEU B 15 -43.17 21.79 -2.75
CA LEU B 15 -42.20 22.20 -3.76
C LEU B 15 -41.21 23.19 -3.19
N GLY B 16 -39.96 23.04 -3.59
CA GLY B 16 -38.92 23.93 -3.12
C GLY B 16 -38.62 23.82 -1.65
N GLU B 17 -39.25 22.89 -0.94
CA GLU B 17 -38.86 22.70 0.44
C GLU B 17 -37.53 21.92 0.51
N ARG B 18 -36.84 22.05 1.64
CA ARG B 18 -35.64 21.24 1.92
C ARG B 18 -35.98 20.22 3.00
N VAL B 19 -35.65 18.95 2.74
CA VAL B 19 -35.97 17.84 3.65
C VAL B 19 -34.77 16.91 3.79
N SER B 20 -34.76 16.17 4.90
CA SER B 20 -33.66 15.25 5.18
C SER B 20 -34.24 13.93 5.69
N LEU B 21 -33.74 12.82 5.16
CA LEU B 21 -34.04 11.49 5.65
C LEU B 21 -32.84 10.94 6.39
N THR B 22 -33.09 10.13 7.42
CA THR B 22 -32.02 9.62 8.25
C THR B 22 -32.20 8.13 8.47
N CYS B 23 -31.10 7.39 8.33
CA CYS B 23 -30.99 6.00 8.73
C CYS B 23 -30.01 5.91 9.89
N ARG B 24 -30.33 5.09 10.89
CA ARG B 24 -29.42 4.83 12.00
C ARG B 24 -29.05 3.35 11.97
N ALA B 25 -27.76 3.05 12.05
CA ALA B 25 -27.27 1.67 11.95
C ALA B 25 -27.10 1.07 13.35
N SER B 26 -27.56 -0.18 13.51
CA SER B 26 -27.52 -0.87 14.80
C SER B 26 -26.11 -1.20 15.25
N GLN B 27 -25.14 -1.23 14.34
CA GLN B 27 -23.74 -1.46 14.62
C GLN B 27 -22.95 -0.61 13.65
N ASP B 28 -21.64 -0.56 13.85
CA ASP B 28 -20.82 0.34 13.05
C ASP B 28 -20.73 -0.15 11.60
N ILE B 29 -21.07 0.73 10.65
CA ILE B 29 -21.03 0.40 9.23
C ILE B 29 -20.11 1.32 8.45
N GLY B 30 -19.49 2.29 9.11
CA GLY B 30 -18.46 3.06 8.43
C GLY B 30 -19.10 3.98 7.43
N ILE B 31 -18.63 3.90 6.18
CA ILE B 31 -19.25 4.64 5.10
C ILE B 31 -19.97 3.70 4.14
N SER B 32 -20.15 2.44 4.52
CA SER B 32 -20.63 1.39 3.61
C SER B 32 -22.16 1.45 3.47
N LEU B 33 -22.64 2.52 2.82
CA LEU B 33 -24.07 2.75 2.72
C LEU B 33 -24.40 3.49 1.42
N ASN B 34 -25.48 3.07 0.78
CA ASN B 34 -26.02 3.78 -0.37
C ASN B 34 -27.40 4.35 -0.03
N TRP B 35 -27.81 5.37 -0.79
CA TRP B 35 -29.18 5.84 -0.81
C TRP B 35 -29.80 5.50 -2.15
N LEU B 36 -31.01 4.90 -2.11
CA LEU B 36 -31.71 4.47 -3.32
C LEU B 36 -33.00 5.26 -3.49
N GLN B 37 -33.39 5.49 -4.75
CA GLN B 37 -34.65 6.09 -5.13
C GLN B 37 -35.51 5.11 -5.90
N GLN B 38 -36.80 5.05 -5.56
CA GLN B 38 -37.72 4.16 -6.29
C GLN B 38 -38.89 4.96 -6.85
N GLU B 39 -39.07 4.89 -8.18
CA GLU B 39 -40.20 5.49 -8.87
C GLU B 39 -41.48 4.68 -8.63
N PRO B 40 -42.64 5.32 -8.78
CA PRO B 40 -43.90 4.57 -8.64
C PRO B 40 -43.97 3.37 -9.56
N ASP B 41 -43.32 3.39 -10.73
CA ASP B 41 -43.36 2.20 -11.58
C ASP B 41 -42.44 1.08 -11.11
N GLY B 42 -41.78 1.23 -9.96
CA GLY B 42 -40.86 0.22 -9.48
C GLY B 42 -39.40 0.39 -9.86
N THR B 43 -39.07 1.34 -10.74
CA THR B 43 -37.68 1.54 -11.13
C THR B 43 -36.86 1.97 -9.92
N ILE B 44 -35.71 1.33 -9.73
CA ILE B 44 -34.80 1.63 -8.64
C ILE B 44 -33.51 2.22 -9.22
N LYS B 45 -33.00 3.27 -8.56
CA LYS B 45 -31.82 3.98 -9.01
C LYS B 45 -30.97 4.36 -7.80
N ARG B 46 -29.65 4.19 -7.91
CA ARG B 46 -28.75 4.59 -6.84
C ARG B 46 -28.46 6.07 -6.98
N LEU B 47 -28.66 6.81 -5.89
CA LEU B 47 -28.43 8.26 -5.93
C LEU B 47 -27.09 8.62 -5.31
N ILE B 48 -26.85 8.13 -4.10
CA ILE B 48 -25.63 8.39 -3.35
C ILE B 48 -24.91 7.06 -3.18
N TYR B 49 -23.61 7.07 -3.41
CA TYR B 49 -22.76 5.91 -3.21
C TYR B 49 -21.80 6.19 -2.07
N ALA B 50 -21.64 5.20 -1.18
CA ALA B 50 -20.67 5.28 -0.09
C ALA B 50 -20.91 6.52 0.78
N THR B 51 -22.14 6.67 1.25
CA THR B 51 -22.51 7.70 2.23
C THR B 51 -22.62 9.09 1.62
N SER B 52 -21.63 9.53 0.83
CA SER B 52 -21.59 10.92 0.40
C SER B 52 -21.27 11.16 -1.07
N SER B 53 -21.01 10.14 -1.87
CA SER B 53 -20.64 10.38 -3.27
C SER B 53 -21.89 10.45 -4.14
N LEU B 54 -22.06 11.58 -4.84
CA LEU B 54 -23.23 11.78 -5.70
C LEU B 54 -22.98 11.10 -7.05
N ASP B 55 -23.86 10.16 -7.40
CA ASP B 55 -23.66 9.37 -8.61
C ASP B 55 -23.76 10.27 -9.85
N SER B 56 -23.10 9.84 -10.91
CA SER B 56 -23.05 10.63 -12.13
C SER B 56 -24.45 10.89 -12.66
N GLY B 57 -24.75 12.13 -12.98
CA GLY B 57 -26.04 12.46 -13.54
C GLY B 57 -27.16 12.63 -12.55
N VAL B 58 -26.90 12.46 -11.27
CA VAL B 58 -27.93 12.76 -10.26
C VAL B 58 -27.90 14.26 -9.97
N PRO B 59 -29.05 14.95 -10.01
CA PRO B 59 -29.06 16.40 -9.78
C PRO B 59 -28.35 16.78 -8.49
N LYS B 60 -27.70 17.94 -8.52
CA LYS B 60 -26.92 18.43 -7.38
C LYS B 60 -27.74 18.67 -6.12
N ARG B 61 -29.07 18.79 -6.22
CA ARG B 61 -29.84 19.05 -5.01
C ARG B 61 -29.85 17.88 -4.04
N PHE B 62 -29.43 16.70 -4.49
CA PHE B 62 -29.26 15.54 -3.62
C PHE B 62 -27.85 15.51 -3.05
N SER B 63 -27.75 15.28 -1.74
CA SER B 63 -26.47 15.12 -1.09
C SER B 63 -26.65 14.15 0.06
N GLY B 64 -25.58 13.43 0.38
CA GLY B 64 -25.56 12.52 1.51
C GLY B 64 -24.48 12.92 2.51
N SER B 65 -24.72 12.60 3.77
CA SER B 65 -23.83 13.01 4.85
C SER B 65 -23.98 12.02 5.99
N ARG B 66 -23.09 12.15 6.98
CA ARG B 66 -23.06 11.21 8.10
C ARG B 66 -22.72 11.93 9.40
N SER B 67 -23.18 11.36 10.52
CA SER B 67 -22.77 11.79 11.85
C SER B 67 -22.92 10.60 12.78
N GLY B 68 -21.80 10.00 13.15
CA GLY B 68 -21.85 8.83 14.03
C GLY B 68 -22.57 7.70 13.34
N SER B 69 -23.50 7.07 14.05
CA SER B 69 -24.34 6.03 13.47
C SER B 69 -25.45 6.58 12.57
N ASP B 70 -25.57 7.89 12.46
CA ASP B 70 -26.67 8.52 11.74
C ASP B 70 -26.23 8.92 10.34
N TYR B 71 -27.02 8.52 9.33
CA TYR B 71 -26.75 8.79 7.93
C TYR B 71 -27.97 9.47 7.33
N SER B 72 -27.74 10.52 6.55
CA SER B 72 -28.81 11.39 6.11
C SER B 72 -28.72 11.63 4.61
N LEU B 73 -29.88 11.57 3.96
CA LEU B 73 -30.02 12.06 2.59
C LEU B 73 -30.77 13.38 2.67
N THR B 74 -30.20 14.43 2.09
CA THR B 74 -30.79 15.75 2.09
C THR B 74 -31.11 16.16 0.66
N ILE B 75 -32.34 16.61 0.43
CA ILE B 75 -32.77 17.20 -0.83
C ILE B 75 -32.92 18.69 -0.57
N SER B 76 -32.07 19.49 -1.21
CA SER B 76 -31.94 20.90 -0.84
C SER B 76 -33.18 21.71 -1.22
N SER B 77 -33.93 21.31 -2.25
CA SER B 77 -35.09 22.08 -2.72
C SER B 77 -35.95 21.19 -3.62
N LEU B 78 -37.04 20.67 -3.07
CA LEU B 78 -37.79 19.61 -3.75
C LEU B 78 -38.34 20.04 -5.11
N GLU B 79 -38.22 19.13 -6.09
CA GLU B 79 -38.86 19.22 -7.39
C GLU B 79 -39.99 18.20 -7.49
N SER B 80 -40.97 18.49 -8.35
CA SER B 80 -42.17 17.64 -8.43
C SER B 80 -41.81 16.18 -8.60
N GLU B 81 -40.70 15.87 -9.27
CA GLU B 81 -40.32 14.48 -9.52
C GLU B 81 -39.65 13.80 -8.33
N ASP B 82 -39.37 14.52 -7.23
CA ASP B 82 -38.67 13.93 -6.10
C ASP B 82 -39.61 13.27 -5.08
N PHE B 83 -40.92 13.40 -5.26
CA PHE B 83 -41.90 12.89 -4.31
C PHE B 83 -42.16 11.41 -4.61
N VAL B 84 -41.15 10.60 -4.31
CA VAL B 84 -41.18 9.16 -4.56
C VAL B 84 -40.76 8.49 -3.26
N ASP B 85 -40.21 7.28 -3.35
CA ASP B 85 -39.73 6.54 -2.19
C ASP B 85 -38.20 6.47 -2.16
N TYR B 86 -37.62 6.40 -0.97
CA TYR B 86 -36.18 6.37 -0.78
C TYR B 86 -35.81 5.27 0.20
N TYR B 87 -34.69 4.59 -0.05
CA TYR B 87 -34.20 3.57 0.85
C TYR B 87 -32.71 3.74 1.06
N CYS B 88 -32.25 3.52 2.28
CA CYS B 88 -30.83 3.31 2.48
C CYS B 88 -30.54 1.82 2.50
N LEU B 89 -29.26 1.51 2.39
CA LEU B 89 -28.80 0.12 2.28
C LEU B 89 -27.41 0.05 2.88
N GLN B 90 -27.20 -0.86 3.83
CA GLN B 90 -25.86 -1.10 4.34
C GLN B 90 -25.28 -2.38 3.71
N TYR B 91 -23.97 -2.34 3.44
CA TYR B 91 -23.24 -3.52 2.99
C TYR B 91 -21.92 -3.68 3.76
N ALA B 92 -21.86 -3.13 4.97
CA ALA B 92 -20.71 -3.36 5.84
C ALA B 92 -20.64 -4.81 6.27
N SER B 93 -21.80 -5.43 6.48
CA SER B 93 -21.86 -6.81 6.95
C SER B 93 -22.89 -7.57 6.14
N SER B 94 -22.67 -8.88 5.99
CA SER B 94 -23.66 -9.70 5.28
C SER B 94 -24.56 -10.41 6.27
N PRO B 95 -25.87 -10.50 6.02
CA PRO B 95 -26.54 -10.07 4.79
C PRO B 95 -26.75 -8.55 4.73
N TYR B 96 -26.56 -7.96 3.57
CA TYR B 96 -26.87 -6.55 3.43
C TYR B 96 -28.33 -6.31 3.81
N THR B 97 -28.63 -5.12 4.33
CA THR B 97 -29.96 -4.85 4.84
C THR B 97 -30.34 -3.43 4.50
N PHE B 98 -31.63 -3.24 4.27
CA PHE B 98 -32.17 -1.97 3.82
C PHE B 98 -32.88 -1.29 4.98
N GLY B 99 -32.83 0.05 4.99
CA GLY B 99 -33.79 0.81 5.74
C GLY B 99 -35.21 0.47 5.31
N GLY B 100 -36.16 0.84 6.15
CA GLY B 100 -37.54 0.53 5.84
C GLY B 100 -38.20 1.47 4.87
N GLY B 101 -37.49 2.49 4.41
CA GLY B 101 -37.98 3.35 3.35
C GLY B 101 -38.67 4.60 3.87
N THR B 102 -38.79 5.58 2.97
CA THR B 102 -39.50 6.83 3.22
C THR B 102 -40.32 7.14 1.97
N LYS B 103 -41.62 7.31 2.16
CA LYS B 103 -42.51 7.73 1.09
C LYS B 103 -42.74 9.23 1.21
N LEU B 104 -42.32 9.98 0.19
CA LEU B 104 -42.55 11.44 0.16
C LEU B 104 -43.82 11.70 -0.62
N GLU B 105 -44.63 12.64 -0.15
CA GLU B 105 -45.80 13.06 -0.88
C GLU B 105 -45.93 14.56 -0.81
N ILE B 106 -46.73 15.12 -1.70
CA ILE B 106 -46.84 16.57 -1.81
C ILE B 106 -47.89 17.07 -0.85
N LYS B 107 -47.53 18.08 -0.04
CA LYS B 107 -48.50 18.72 0.82
C LYS B 107 -49.28 19.78 0.05
N ARG B 108 -50.61 19.76 0.19
CA ARG B 108 -51.49 20.77 -0.39
C ARG B 108 -52.52 21.12 0.66
N THR B 109 -53.43 22.02 0.32
CA THR B 109 -54.45 22.38 1.27
C THR B 109 -55.40 21.21 1.50
N VAL B 110 -56.03 21.23 2.68
CA VAL B 110 -56.99 20.20 3.03
C VAL B 110 -58.16 20.25 2.07
N ALA B 111 -58.57 19.10 1.58
CA ALA B 111 -59.70 19.00 0.66
C ALA B 111 -60.60 17.86 1.13
N ALA B 112 -61.88 18.17 1.37
CA ALA B 112 -62.84 17.14 1.79
C ALA B 112 -63.21 16.25 0.61
N PRO B 113 -63.49 14.98 0.85
CA PRO B 113 -63.98 14.14 -0.25
C PRO B 113 -65.42 14.51 -0.59
N SER B 114 -65.77 14.35 -1.85
CA SER B 114 -67.17 14.21 -2.20
C SER B 114 -67.48 12.72 -2.19
N VAL B 115 -68.63 12.38 -1.63
CA VAL B 115 -68.95 10.99 -1.28
C VAL B 115 -70.16 10.56 -2.08
N PHE B 116 -70.10 9.34 -2.60
CA PHE B 116 -71.16 8.71 -3.39
C PHE B 116 -71.29 7.26 -2.97
N ILE B 117 -72.51 6.76 -2.95
CA ILE B 117 -72.79 5.35 -2.65
C ILE B 117 -73.50 4.73 -3.84
N PHE B 118 -73.15 3.49 -4.16
CA PHE B 118 -73.73 2.82 -5.31
C PHE B 118 -74.34 1.48 -4.89
N PRO B 119 -75.63 1.25 -5.17
CA PRO B 119 -76.22 -0.07 -4.88
C PRO B 119 -75.75 -1.12 -5.88
N PRO B 120 -75.88 -2.41 -5.57
CA PRO B 120 -75.62 -3.45 -6.57
C PRO B 120 -76.63 -3.38 -7.71
N SER B 121 -76.14 -3.72 -8.90
CA SER B 121 -76.97 -3.84 -10.08
C SER B 121 -77.87 -5.07 -9.97
N ASP B 122 -79.05 -4.99 -10.59
CA ASP B 122 -79.92 -6.16 -10.64
C ASP B 122 -79.22 -7.32 -11.35
N GLU B 123 -78.43 -7.01 -12.39
CA GLU B 123 -77.69 -8.05 -13.09
C GLU B 123 -76.84 -8.88 -12.15
N GLN B 124 -76.05 -8.23 -11.29
CA GLN B 124 -75.19 -8.96 -10.35
C GLN B 124 -76.02 -9.74 -9.34
N LEU B 125 -77.16 -9.20 -8.93
CA LEU B 125 -77.96 -9.89 -7.90
C LEU B 125 -78.39 -11.27 -8.37
N LYS B 126 -78.56 -11.45 -9.69
CA LYS B 126 -78.99 -12.75 -10.20
C LYS B 126 -77.89 -13.79 -10.07
N SER B 127 -76.62 -13.39 -10.16
CA SER B 127 -75.51 -14.29 -9.88
C SER B 127 -75.44 -14.71 -8.42
N GLY B 128 -76.24 -14.12 -7.54
CA GLY B 128 -76.21 -14.52 -6.15
C GLY B 128 -75.29 -13.73 -5.23
N THR B 129 -74.69 -12.63 -5.69
CA THR B 129 -73.81 -11.80 -4.86
C THR B 129 -74.16 -10.33 -5.04
N ALA B 130 -73.85 -9.52 -4.03
CA ALA B 130 -74.13 -8.09 -4.10
C ALA B 130 -72.91 -7.32 -3.61
N SER B 131 -72.46 -6.38 -4.43
CA SER B 131 -71.41 -5.44 -4.11
C SER B 131 -72.01 -4.05 -3.95
N VAL B 132 -71.68 -3.38 -2.86
CA VAL B 132 -72.10 -2.01 -2.60
C VAL B 132 -70.83 -1.18 -2.54
N VAL B 133 -70.84 -0.06 -3.25
CA VAL B 133 -69.60 0.70 -3.44
C VAL B 133 -69.80 2.09 -2.89
N CYS B 134 -68.81 2.52 -2.12
CA CYS B 134 -68.70 3.87 -1.59
C CYS B 134 -67.46 4.50 -2.19
N LEU B 135 -67.64 5.68 -2.79
CA LEU B 135 -66.57 6.41 -3.48
C LEU B 135 -66.27 7.68 -2.72
N LEU B 136 -65.01 7.86 -2.28
CA LEU B 136 -64.53 9.13 -1.75
C LEU B 136 -63.65 9.79 -2.82
N ASN B 137 -64.11 10.93 -3.37
CA ASN B 137 -63.49 11.50 -4.56
C ASN B 137 -62.68 12.74 -4.21
N ASN B 138 -61.37 12.71 -4.48
CA ASN B 138 -60.51 13.90 -4.54
C ASN B 138 -60.33 14.60 -3.20
N PHE B 139 -59.77 13.89 -2.22
CA PHE B 139 -59.60 14.46 -0.90
C PHE B 139 -58.10 14.59 -0.57
N TYR B 140 -57.82 15.41 0.42
CA TYR B 140 -56.47 15.52 0.96
C TYR B 140 -56.58 15.94 2.41
N PRO B 141 -55.80 15.37 3.32
CA PRO B 141 -54.75 14.36 3.15
C PRO B 141 -55.29 12.96 2.97
N ARG B 142 -54.35 12.01 2.81
CA ARG B 142 -54.71 10.64 2.45
C ARG B 142 -55.58 9.98 3.50
N GLU B 143 -55.37 10.28 4.79
CA GLU B 143 -56.05 9.52 5.85
C GLU B 143 -57.56 9.70 5.76
N ALA B 144 -58.29 8.59 5.85
CA ALA B 144 -59.75 8.70 5.82
C ALA B 144 -60.34 7.45 6.48
N LYS B 145 -61.56 7.61 7.00
CA LYS B 145 -62.24 6.48 7.62
C LYS B 145 -63.60 6.28 6.97
N VAL B 146 -63.89 5.04 6.61
CA VAL B 146 -65.13 4.64 5.95
C VAL B 146 -65.73 3.50 6.74
N GLN B 147 -66.92 3.71 7.28
CA GLN B 147 -67.63 2.69 8.04
C GLN B 147 -68.90 2.34 7.29
N TRP B 148 -69.23 1.04 7.26
CA TRP B 148 -70.46 0.56 6.63
C TRP B 148 -71.51 0.25 7.69
N LYS B 149 -72.77 0.59 7.38
CA LYS B 149 -73.91 0.34 8.25
C LYS B 149 -75.02 -0.29 7.43
N VAL B 150 -75.52 -1.45 7.88
CA VAL B 150 -76.65 -2.12 7.26
C VAL B 150 -77.75 -2.18 8.30
N ASP B 151 -78.89 -1.52 8.01
CA ASP B 151 -79.93 -1.30 9.00
C ASP B 151 -79.31 -0.79 10.30
N ASN B 152 -78.42 0.17 10.15
CA ASN B 152 -77.77 0.84 11.27
C ASN B 152 -76.80 -0.05 12.03
N ALA B 153 -76.45 -1.22 11.50
CA ALA B 153 -75.48 -2.09 12.15
C ALA B 153 -74.11 -1.94 11.49
N LEU B 154 -73.12 -1.55 12.27
CA LEU B 154 -71.78 -1.37 11.75
C LEU B 154 -71.23 -2.71 11.25
N GLN B 155 -70.69 -2.71 10.03
CA GLN B 155 -70.12 -3.93 9.46
C GLN B 155 -68.63 -4.02 9.73
N SER B 156 -68.14 -5.25 9.84
CA SER B 156 -66.72 -5.55 9.99
C SER B 156 -66.39 -6.81 9.21
N GLY B 157 -65.19 -6.86 8.63
CA GLY B 157 -64.69 -8.06 7.98
C GLY B 157 -65.21 -8.32 6.60
N ASN B 158 -66.18 -7.55 6.09
CA ASN B 158 -66.74 -7.84 4.78
C ASN B 158 -66.61 -6.67 3.81
N SER B 159 -65.59 -5.83 3.97
CA SER B 159 -65.35 -4.76 3.00
C SER B 159 -63.86 -4.66 2.69
N GLN B 160 -63.54 -4.18 1.47
CA GLN B 160 -62.16 -3.95 1.06
C GLN B 160 -62.03 -2.55 0.48
N GLU B 161 -60.89 -1.90 0.73
CA GLU B 161 -60.64 -0.55 0.24
C GLU B 161 -59.56 -0.55 -0.82
N SER B 162 -59.63 0.43 -1.69
CA SER B 162 -58.62 0.71 -2.71
C SER B 162 -58.39 2.21 -2.77
N VAL B 163 -57.13 2.63 -2.78
CA VAL B 163 -56.81 4.05 -2.86
C VAL B 163 -55.92 4.30 -4.07
N THR B 164 -56.19 5.41 -4.76
CA THR B 164 -55.38 5.85 -5.87
C THR B 164 -54.05 6.44 -5.37
N GLU B 165 -53.07 6.45 -6.26
CA GLU B 165 -51.85 7.22 -6.03
C GLU B 165 -52.19 8.70 -6.06
N GLN B 166 -51.40 9.50 -5.33
CA GLN B 166 -51.58 10.95 -5.32
C GLN B 166 -51.68 11.49 -6.75
N ASP B 167 -52.72 12.28 -7.01
CA ASP B 167 -53.00 12.72 -8.36
C ASP B 167 -51.91 13.69 -8.82
N SER B 168 -51.43 13.47 -10.05
CA SER B 168 -50.28 14.23 -10.55
C SER B 168 -50.62 15.68 -10.82
N LYS B 169 -51.90 16.01 -10.97
CA LYS B 169 -52.34 17.38 -11.27
C LYS B 169 -52.81 18.14 -10.04
N ASP B 170 -53.67 17.58 -9.21
CA ASP B 170 -54.22 18.34 -8.09
C ASP B 170 -53.81 17.78 -6.73
N SER B 171 -52.96 16.75 -6.69
CA SER B 171 -52.34 16.22 -5.47
C SER B 171 -53.36 15.64 -4.48
N THR B 172 -54.56 15.27 -4.94
CA THR B 172 -55.55 14.63 -4.08
C THR B 172 -55.50 13.11 -4.23
N TYR B 173 -56.22 12.44 -3.31
CA TYR B 173 -56.46 11.01 -3.40
C TYR B 173 -57.94 10.74 -3.58
N SER B 174 -58.22 9.57 -4.15
CA SER B 174 -59.56 9.00 -4.19
C SER B 174 -59.50 7.59 -3.64
N LEU B 175 -60.64 7.15 -3.12
CA LEU B 175 -60.73 5.87 -2.42
C LEU B 175 -62.08 5.22 -2.68
N SER B 176 -62.06 3.93 -2.95
CA SER B 176 -63.28 3.16 -3.04
C SER B 176 -63.35 2.21 -1.86
N SER B 177 -64.56 1.96 -1.37
CA SER B 177 -64.78 0.91 -0.39
C SER B 177 -65.92 0.05 -0.88
N THR B 178 -65.70 -1.26 -0.92
CA THR B 178 -66.64 -2.22 -1.50
C THR B 178 -67.12 -3.18 -0.41
N LEU B 179 -68.42 -3.17 -0.15
CA LEU B 179 -69.08 -4.10 0.75
C LEU B 179 -69.60 -5.27 -0.07
N THR B 180 -69.22 -6.50 0.28
CA THR B 180 -69.69 -7.66 -0.48
C THR B 180 -70.57 -8.52 0.41
N LEU B 181 -71.79 -8.82 -0.06
CA LEU B 181 -72.77 -9.58 0.69
C LEU B 181 -73.31 -10.71 -0.16
N SER B 182 -73.83 -11.76 0.48
CA SER B 182 -74.62 -12.70 -0.30
C SER B 182 -75.93 -12.05 -0.70
N LYS B 183 -76.49 -12.48 -1.83
CA LYS B 183 -77.80 -11.99 -2.24
C LYS B 183 -78.84 -12.11 -1.11
N ALA B 184 -78.85 -13.24 -0.40
CA ALA B 184 -79.82 -13.42 0.68
C ALA B 184 -79.62 -12.41 1.80
N ASP B 185 -78.37 -12.13 2.15
CA ASP B 185 -78.12 -11.11 3.18
C ASP B 185 -78.53 -9.73 2.68
N TYR B 186 -78.19 -9.39 1.44
CA TYR B 186 -78.55 -8.07 0.92
C TYR B 186 -80.08 -7.87 0.91
N GLU B 187 -80.84 -8.91 0.55
CA GLU B 187 -82.28 -8.76 0.38
C GLU B 187 -83.06 -8.81 1.70
N LYS B 188 -82.45 -9.25 2.79
CA LYS B 188 -83.18 -9.19 4.05
C LYS B 188 -82.97 -7.86 4.79
N HIS B 189 -82.27 -6.90 4.18
CA HIS B 189 -82.02 -5.64 4.86
C HIS B 189 -82.47 -4.49 3.96
N LYS B 190 -82.76 -3.35 4.59
CA LYS B 190 -83.29 -2.20 3.87
C LYS B 190 -82.29 -1.07 3.68
N VAL B 191 -81.67 -0.57 4.76
CA VAL B 191 -80.90 0.68 4.68
C VAL B 191 -79.42 0.36 4.57
N TYR B 192 -78.78 0.89 3.52
CA TYR B 192 -77.35 0.71 3.28
C TYR B 192 -76.67 2.07 3.34
N ALA B 193 -75.63 2.19 4.17
CA ALA B 193 -75.05 3.50 4.41
C ALA B 193 -73.53 3.42 4.52
N CYS B 194 -72.88 4.42 3.91
CA CYS B 194 -71.45 4.68 3.99
C CYS B 194 -71.23 5.93 4.83
N GLU B 195 -70.46 5.83 5.92
CA GLU B 195 -70.18 6.96 6.80
C GLU B 195 -68.70 7.32 6.74
N VAL B 196 -68.40 8.56 6.35
CA VAL B 196 -67.05 8.98 6.00
C VAL B 196 -66.56 10.01 7.02
N THR B 197 -65.38 9.75 7.59
CA THR B 197 -64.70 10.67 8.47
C THR B 197 -63.38 11.10 7.81
N HIS B 198 -63.12 12.40 7.81
CA HIS B 198 -61.96 12.98 7.14
C HIS B 198 -61.73 14.38 7.69
N GLN B 199 -60.45 14.75 7.76
CA GLN B 199 -60.06 16.05 8.29
C GLN B 199 -60.78 17.21 7.60
N GLY B 200 -61.08 17.12 6.30
CA GLY B 200 -61.80 18.21 5.66
C GLY B 200 -63.32 18.24 5.87
N LEU B 201 -63.90 17.26 6.54
CA LEU B 201 -65.29 17.28 6.96
C LEU B 201 -65.35 17.58 8.45
N SER B 202 -66.10 18.61 8.83
CA SER B 202 -66.15 18.95 10.25
C SER B 202 -66.99 17.96 11.08
N SER B 203 -67.73 17.06 10.44
CA SER B 203 -68.45 15.97 11.08
C SER B 203 -68.57 14.84 10.07
N PRO B 204 -68.89 13.63 10.54
CA PRO B 204 -69.00 12.49 9.60
C PRO B 204 -70.13 12.68 8.58
N VAL B 205 -69.83 12.35 7.34
CA VAL B 205 -70.82 12.46 6.28
C VAL B 205 -71.29 11.06 5.92
N THR B 206 -72.61 10.90 5.80
CA THR B 206 -73.21 9.61 5.51
C THR B 206 -73.96 9.71 4.20
N LYS B 207 -73.68 8.80 3.27
CA LYS B 207 -74.50 8.60 2.08
C LYS B 207 -75.18 7.25 2.20
N SER B 208 -76.44 7.17 1.77
CA SER B 208 -77.19 5.94 1.97
C SER B 208 -78.24 5.77 0.88
N PHE B 209 -78.79 4.56 0.81
CA PHE B 209 -79.96 4.24 0.00
C PHE B 209 -80.78 3.18 0.71
N ASN B 210 -82.07 3.11 0.38
CA ASN B 210 -82.97 2.04 0.79
C ASN B 210 -83.12 1.06 -0.36
N ARG B 211 -82.88 -0.21 -0.10
CA ARG B 211 -82.99 -1.22 -1.14
C ARG B 211 -84.39 -1.19 -1.74
N GLY B 212 -84.46 -1.17 -3.07
CA GLY B 212 -85.73 -1.22 -3.76
C GLY B 212 -86.50 0.09 -3.87
N GLU B 213 -85.91 1.21 -3.48
CA GLU B 213 -86.55 2.51 -3.61
C GLU B 213 -85.66 3.42 -4.43
N CYS B 214 -86.29 4.40 -5.07
CA CYS B 214 -85.54 5.35 -5.88
C CYS B 214 -85.69 6.79 -5.36
N GLN C 1 32.52 5.50 -4.31
CA GLN C 1 32.78 6.93 -4.25
C GLN C 1 32.09 7.56 -3.04
N VAL C 2 31.21 6.80 -2.37
CA VAL C 2 30.75 7.19 -1.05
C VAL C 2 31.94 7.19 -0.09
N GLN C 3 32.13 8.30 0.62
CA GLN C 3 33.31 8.48 1.45
C GLN C 3 32.94 9.27 2.70
N LEU C 4 33.32 8.74 3.86
CA LEU C 4 33.14 9.38 5.16
C LEU C 4 34.53 9.61 5.72
N GLN C 5 34.94 10.87 5.84
CA GLN C 5 36.32 11.21 6.20
C GLN C 5 36.38 11.69 7.65
N GLN C 6 37.08 10.92 8.49
CA GLN C 6 37.25 11.24 9.89
C GLN C 6 38.74 11.40 10.18
N PRO C 7 39.13 12.40 10.94
CA PRO C 7 40.54 12.55 11.33
C PRO C 7 41.03 11.30 12.05
N GLY C 8 42.33 11.05 11.94
CA GLY C 8 42.88 9.82 12.48
C GLY C 8 42.84 9.76 13.99
N ALA C 9 43.11 10.89 14.67
CA ALA C 9 43.30 10.84 16.11
C ALA C 9 43.06 12.21 16.74
N GLU C 10 42.65 12.21 18.01
CA GLU C 10 42.54 13.44 18.79
C GLU C 10 43.05 13.20 20.18
N LEU C 11 43.98 14.05 20.62
CA LEU C 11 44.40 14.08 22.01
C LEU C 11 43.44 15.02 22.75
N VAL C 12 42.92 14.56 23.88
CA VAL C 12 41.84 15.28 24.57
C VAL C 12 42.25 15.46 26.04
N ARG C 13 42.08 16.69 26.56
CA ARG C 13 42.38 16.81 27.99
C ARG C 13 41.15 16.45 28.82
N PRO C 14 41.37 15.76 29.95
CA PRO C 14 40.25 15.43 30.85
C PRO C 14 39.43 16.66 31.18
N GLY C 15 38.11 16.56 31.01
CA GLY C 15 37.21 17.64 31.35
C GLY C 15 37.08 18.76 30.34
N ALA C 16 37.81 18.70 29.23
CA ALA C 16 37.74 19.71 28.17
C ALA C 16 37.13 19.06 26.94
N SER C 17 35.93 19.49 26.59
CA SER C 17 35.13 18.80 25.58
C SER C 17 35.83 18.76 24.22
N VAL C 18 35.45 17.78 23.39
CA VAL C 18 36.01 17.60 22.06
C VAL C 18 34.86 17.43 21.07
N LYS C 19 35.07 17.88 19.83
CA LYS C 19 34.07 17.76 18.78
C LYS C 19 34.68 16.98 17.61
N LEU C 20 34.17 15.77 17.41
CA LEU C 20 34.64 14.88 16.36
C LEU C 20 33.86 15.17 15.08
N SER C 21 34.55 15.05 13.94
CA SER C 21 33.90 15.39 12.68
C SER C 21 33.90 14.19 11.74
N CYS C 22 32.93 14.18 10.85
CA CYS C 22 32.75 13.15 9.84
C CYS C 22 32.32 13.86 8.56
N LYS C 23 33.24 14.05 7.62
CA LYS C 23 32.95 14.77 6.38
C LYS C 23 32.46 13.79 5.32
N ALA C 24 31.23 13.98 4.84
CA ALA C 24 30.65 13.08 3.85
C ALA C 24 30.87 13.63 2.44
N SER C 25 31.08 12.73 1.49
CA SER C 25 31.21 13.14 0.11
C SER C 25 30.81 11.99 -0.78
N GLY C 26 30.39 12.31 -2.00
CA GLY C 26 30.00 11.29 -2.94
C GLY C 26 28.57 10.80 -2.83
N TYR C 27 27.73 11.46 -2.04
CA TYR C 27 26.30 11.15 -2.03
C TYR C 27 25.55 12.36 -1.49
N SER C 28 24.22 12.26 -1.49
CA SER C 28 23.34 13.30 -0.95
C SER C 28 23.39 13.24 0.57
N PHE C 29 24.13 14.16 1.18
CA PHE C 29 24.37 14.14 2.61
C PHE C 29 23.08 14.21 3.41
N THR C 30 22.10 14.96 2.93
CA THR C 30 20.87 15.16 3.67
C THR C 30 19.83 14.06 3.41
N SER C 31 20.21 12.97 2.74
CA SER C 31 19.27 11.90 2.42
C SER C 31 19.51 10.61 3.20
N TYR C 32 20.43 10.60 4.16
CA TYR C 32 20.74 9.37 4.89
C TYR C 32 20.98 9.67 6.37
N TRP C 33 20.55 8.74 7.22
CA TRP C 33 20.87 8.83 8.64
C TRP C 33 22.38 8.71 8.84
N MET C 34 22.88 9.33 9.92
CA MET C 34 24.29 9.20 10.32
C MET C 34 24.38 8.61 11.72
N ASN C 35 25.00 7.43 11.81
CA ASN C 35 25.27 6.75 13.07
C ASN C 35 26.67 7.06 13.59
N TRP C 36 26.82 7.00 14.91
CA TRP C 36 28.10 7.10 15.58
C TRP C 36 28.23 5.88 16.48
N VAL C 37 29.43 5.31 16.51
CA VAL C 37 29.71 4.07 17.20
C VAL C 37 31.03 4.21 17.95
N LYS C 38 31.09 3.63 19.15
CA LYS C 38 32.25 3.70 20.02
C LYS C 38 32.87 2.32 20.22
N GLN C 39 34.19 2.23 20.18
CA GLN C 39 34.90 0.98 20.47
C GLN C 39 36.12 1.32 21.32
N ARG C 40 36.12 0.87 22.59
CA ARG C 40 37.29 1.05 23.47
C ARG C 40 38.38 0.04 23.10
N PRO C 41 39.63 0.38 23.39
CA PRO C 41 40.77 -0.46 22.97
C PRO C 41 40.62 -1.90 23.42
N GLY C 42 40.77 -2.82 22.48
CA GLY C 42 40.61 -4.23 22.75
C GLY C 42 39.19 -4.69 23.00
N GLN C 43 38.20 -3.81 22.89
CA GLN C 43 36.83 -4.09 23.29
C GLN C 43 35.92 -4.20 22.07
N GLY C 44 34.63 -4.38 22.36
CA GLY C 44 33.60 -4.47 21.33
C GLY C 44 33.01 -3.12 20.99
N LEU C 45 31.93 -3.17 20.21
CA LEU C 45 31.30 -1.98 19.65
C LEU C 45 30.04 -1.59 20.43
N GLU C 46 29.76 -0.30 20.43
CA GLU C 46 28.62 0.25 21.13
C GLU C 46 28.02 1.39 20.31
N TRP C 47 26.72 1.33 20.07
CA TRP C 47 26.04 2.35 19.28
C TRP C 47 25.75 3.57 20.16
N ILE C 48 26.10 4.75 19.66
CA ILE C 48 25.86 5.98 20.43
C ILE C 48 24.51 6.58 20.08
N GLY C 49 24.25 6.73 18.79
CA GLY C 49 23.01 7.32 18.32
C GLY C 49 23.13 7.67 16.84
N MET C 50 22.10 8.36 16.37
CA MET C 50 22.05 8.70 14.96
C MET C 50 21.33 10.04 14.82
N ILE C 51 21.60 10.70 13.72
CA ILE C 51 21.03 12.01 13.44
C ILE C 51 20.74 12.04 11.95
N HIS C 52 19.63 12.65 11.59
CA HIS C 52 19.32 12.83 10.18
C HIS C 52 19.64 14.26 9.78
N PRO C 53 20.58 14.47 8.86
CA PRO C 53 21.06 15.83 8.57
C PRO C 53 20.02 16.75 7.95
N SER C 54 18.94 16.21 7.37
CA SER C 54 17.91 17.06 6.81
C SER C 54 17.41 18.08 7.83
N ASP C 55 16.95 17.61 9.00
CA ASP C 55 16.46 18.51 10.05
C ASP C 55 17.11 18.26 11.40
N SER C 56 18.24 17.53 11.44
CA SER C 56 18.97 17.21 12.68
C SER C 56 18.09 16.56 13.76
N GLU C 57 17.08 15.78 13.36
CA GLU C 57 16.42 14.93 14.33
C GLU C 57 17.39 13.85 14.80
N THR C 58 17.40 13.59 16.11
CA THR C 58 18.36 12.69 16.72
C THR C 58 17.66 11.63 17.53
N ARG C 59 18.19 10.42 17.49
CA ARG C 59 17.75 9.30 18.31
C ARG C 59 19.00 8.75 18.99
N LEU C 60 19.03 8.82 20.31
CA LEU C 60 20.26 8.66 21.09
C LEU C 60 20.15 7.46 22.02
N ASN C 61 21.26 6.71 22.13
CA ASN C 61 21.37 5.68 23.15
C ASN C 61 21.32 6.34 24.52
N GLN C 62 20.34 5.96 25.34
CA GLN C 62 20.13 6.60 26.63
C GLN C 62 21.41 6.67 27.44
N LYS C 63 22.29 5.67 27.27
CA LYS C 63 23.55 5.62 28.03
C LYS C 63 24.50 6.75 27.67
N PHE C 64 24.31 7.41 26.53
CA PHE C 64 25.17 8.51 26.13
C PHE C 64 24.46 9.86 26.20
N MET C 65 23.27 9.88 26.80
CA MET C 65 22.47 11.11 26.83
C MET C 65 23.21 12.27 27.46
N ASP C 66 23.99 12.02 28.50
CA ASP C 66 24.70 13.12 29.14
C ASP C 66 26.10 13.35 28.57
N LYS C 67 26.50 12.59 27.54
CA LYS C 67 27.89 12.53 27.09
C LYS C 67 28.09 13.07 25.69
N ALA C 68 27.27 12.66 24.72
CA ALA C 68 27.46 13.00 23.32
C ALA C 68 26.36 13.93 22.84
N THR C 69 26.71 14.89 21.99
CA THR C 69 25.72 15.74 21.32
C THR C 69 25.98 15.69 19.82
N LEU C 70 24.98 15.24 19.05
CA LEU C 70 25.10 15.15 17.61
C LEU C 70 24.57 16.40 16.93
N THR C 71 25.29 16.86 15.92
CA THR C 71 24.88 17.98 15.09
C THR C 71 25.43 17.78 13.69
N VAL C 72 25.03 18.68 12.78
CA VAL C 72 25.52 18.68 11.40
C VAL C 72 25.74 20.10 10.94
N ASP C 73 26.55 20.24 9.89
CA ASP C 73 26.73 21.49 9.16
C ASP C 73 26.48 21.14 7.70
N LYS C 74 25.29 21.47 7.19
CA LYS C 74 24.94 21.05 5.84
C LYS C 74 25.82 21.73 4.79
N SER C 75 26.30 22.93 5.10
CA SER C 75 27.11 23.67 4.14
C SER C 75 28.39 22.93 3.80
N SER C 76 28.97 22.23 4.78
CA SER C 76 30.21 21.47 4.58
C SER C 76 29.97 19.97 4.51
N SER C 77 28.71 19.54 4.54
CA SER C 77 28.39 18.11 4.52
C SER C 77 29.15 17.37 5.62
N THR C 78 29.15 17.95 6.81
CA THR C 78 29.89 17.38 7.93
C THR C 78 28.95 17.10 9.10
N ALA C 79 29.08 15.91 9.67
CA ALA C 79 28.39 15.56 10.89
C ALA C 79 29.39 15.62 12.04
N TYR C 80 28.95 16.15 13.18
CA TYR C 80 29.83 16.29 14.32
C TYR C 80 29.26 15.55 15.51
N MET C 81 30.15 15.05 16.36
CA MET C 81 29.79 14.60 17.70
C MET C 81 30.65 15.26 18.74
N GLN C 82 30.03 16.00 19.66
CA GLN C 82 30.73 16.64 20.76
C GLN C 82 30.63 15.74 22.01
N LEU C 83 31.79 15.43 22.59
CA LEU C 83 31.85 14.67 23.83
C LEU C 83 32.11 15.63 24.96
N SER C 84 31.18 15.70 25.92
CA SER C 84 31.31 16.63 27.04
C SER C 84 32.17 16.02 28.14
N SER C 85 32.79 16.91 28.92
CA SER C 85 33.63 16.57 30.08
C SER C 85 34.33 15.23 29.97
N PRO C 86 35.25 15.06 29.01
CA PRO C 86 35.86 13.74 28.79
C PRO C 86 36.56 13.18 30.02
N THR C 87 36.48 11.86 30.18
CA THR C 87 37.27 11.13 31.15
C THR C 87 37.99 10.02 30.42
N SER C 88 38.88 9.32 31.14
CA SER C 88 39.61 8.23 30.52
C SER C 88 38.66 7.16 29.97
N GLU C 89 37.48 7.01 30.58
CA GLU C 89 36.44 6.13 30.08
C GLU C 89 36.00 6.50 28.67
N ASP C 90 36.27 7.72 28.21
CA ASP C 90 35.89 8.13 26.88
C ASP C 90 36.95 7.83 25.82
N SER C 91 38.14 7.38 26.23
CA SER C 91 39.19 7.03 25.27
C SER C 91 38.75 5.84 24.43
N ALA C 92 38.75 5.99 23.12
CA ALA C 92 38.23 4.94 22.23
C ALA C 92 38.30 5.42 20.79
N VAL C 93 38.01 4.53 19.87
CA VAL C 93 37.82 4.92 18.48
C VAL C 93 36.34 5.20 18.27
N TYR C 94 36.02 6.30 17.58
CA TYR C 94 34.65 6.68 17.29
C TYR C 94 34.43 6.66 15.78
N TYR C 95 33.49 5.82 15.33
CA TYR C 95 33.15 5.66 13.93
C TYR C 95 31.86 6.40 13.60
N CYS C 96 31.81 7.00 12.41
CA CYS C 96 30.54 7.38 11.81
C CYS C 96 30.19 6.37 10.72
N ALA C 97 28.89 6.22 10.47
CA ALA C 97 28.41 5.25 9.49
C ALA C 97 27.07 5.74 8.97
N ARG C 98 26.89 5.72 7.65
CA ARG C 98 25.69 6.32 7.09
C ARG C 98 24.65 5.25 6.76
N GLY C 99 23.41 5.70 6.70
CA GLY C 99 22.28 4.83 6.43
C GLY C 99 21.66 4.30 7.70
N LEU C 100 20.33 4.09 7.65
CA LEU C 100 19.66 3.41 8.75
C LEU C 100 20.42 2.16 9.17
N TYR C 101 21.02 1.47 8.19
CA TYR C 101 21.64 0.17 8.40
C TYR C 101 23.15 0.17 8.16
N GLY C 102 23.80 1.33 8.30
CA GLY C 102 25.25 1.42 8.23
C GLY C 102 25.90 0.75 7.04
N ASN C 103 25.61 1.25 5.84
CA ASN C 103 26.14 0.65 4.63
C ASN C 103 27.49 1.22 4.23
N SER C 104 27.93 2.33 4.81
CA SER C 104 29.33 2.73 4.65
C SER C 104 29.84 3.28 5.96
N TRP C 105 31.11 3.01 6.23
CA TRP C 105 31.71 3.34 7.52
C TRP C 105 32.90 4.26 7.30
N GLY C 106 32.99 5.27 8.15
CA GLY C 106 34.23 6.01 8.24
C GLY C 106 35.33 5.17 8.86
N GLN C 107 36.55 5.69 8.78
CA GLN C 107 37.71 4.96 9.25
C GLN C 107 37.89 5.04 10.77
N GLY C 108 37.18 5.96 11.43
CA GLY C 108 37.24 6.07 12.88
C GLY C 108 38.25 7.10 13.38
N THR C 109 37.95 7.79 14.46
CA THR C 109 38.90 8.71 15.09
C THR C 109 39.32 8.13 16.44
N LEU C 110 40.62 7.89 16.62
CA LEU C 110 41.13 7.46 17.91
C LEU C 110 41.21 8.66 18.86
N VAL C 111 40.42 8.61 19.93
CA VAL C 111 40.39 9.64 20.95
C VAL C 111 41.12 9.12 22.17
N THR C 112 42.13 9.87 22.61
CA THR C 112 42.89 9.54 23.80
C THR C 112 42.67 10.67 24.82
N VAL C 113 42.01 10.37 25.94
CA VAL C 113 41.88 11.36 27.00
C VAL C 113 43.05 11.18 27.94
N SER C 114 43.94 12.17 27.99
CA SER C 114 45.15 12.05 28.80
C SER C 114 45.54 13.45 29.25
N ALA C 115 46.07 13.54 30.45
CA ALA C 115 46.68 14.78 30.92
C ALA C 115 48.20 14.80 30.73
N ALA C 116 48.77 13.83 30.03
CA ALA C 116 50.22 13.68 29.97
C ALA C 116 50.87 14.68 29.02
N SER C 117 52.08 15.13 29.39
CA SER C 117 52.90 15.93 28.46
C SER C 117 53.68 15.01 27.52
N THR C 118 54.00 15.51 26.34
CA THR C 118 54.93 14.83 25.46
C THR C 118 56.23 14.52 26.20
N LYS C 119 56.71 13.30 26.06
CA LYS C 119 57.90 12.87 26.80
C LYS C 119 58.53 11.66 26.10
N GLY C 120 59.86 11.65 26.08
CA GLY C 120 60.61 10.63 25.41
C GLY C 120 61.02 9.53 26.36
N PRO C 121 61.20 8.34 25.81
CA PRO C 121 61.41 7.15 26.65
C PRO C 121 62.84 6.99 27.15
N SER C 122 62.95 6.33 28.29
CA SER C 122 64.19 5.69 28.70
C SER C 122 64.29 4.35 28.00
N VAL C 123 65.52 3.91 27.73
CA VAL C 123 65.79 2.62 27.11
C VAL C 123 66.72 1.86 28.03
N PHE C 124 66.27 0.70 28.52
CA PHE C 124 67.09 -0.13 29.36
C PHE C 124 67.33 -1.46 28.68
N PRO C 125 68.52 -2.06 28.85
CA PRO C 125 68.78 -3.36 28.21
C PRO C 125 68.02 -4.48 28.92
N LEU C 126 67.56 -5.46 28.12
CA LEU C 126 67.16 -6.78 28.62
C LEU C 126 68.31 -7.72 28.28
N ALA C 127 69.24 -7.86 29.20
CA ALA C 127 70.52 -8.49 28.93
C ALA C 127 70.36 -10.00 28.76
N PRO C 128 71.11 -10.62 27.85
CA PRO C 128 71.06 -12.08 27.70
C PRO C 128 71.60 -12.79 28.94
N SER C 129 70.86 -13.80 29.40
CA SER C 129 71.17 -14.44 30.67
C SER C 129 72.49 -15.21 30.56
N SER C 130 73.25 -15.23 31.67
CA SER C 130 74.52 -15.94 31.69
C SER C 130 74.31 -17.46 31.59
N LYS C 131 73.16 -17.96 32.03
CA LYS C 131 72.82 -19.38 31.95
C LYS C 131 72.39 -19.80 30.54
N SER C 132 72.45 -18.90 29.56
CA SER C 132 72.06 -19.21 28.18
C SER C 132 72.63 -20.55 27.72
N THR C 133 71.82 -21.32 27.00
CA THR C 133 72.24 -22.65 26.57
C THR C 133 73.40 -22.56 25.58
N SER C 134 74.50 -23.27 25.87
CA SER C 134 75.80 -22.98 25.27
C SER C 134 75.77 -23.10 23.74
N GLY C 135 75.11 -24.12 23.21
CA GLY C 135 74.98 -24.23 21.77
C GLY C 135 73.55 -24.04 21.31
N GLY C 136 72.75 -23.38 22.13
CA GLY C 136 71.33 -23.22 21.86
C GLY C 136 70.93 -21.80 21.50
N THR C 137 69.79 -21.37 22.01
CA THR C 137 69.17 -20.09 21.65
C THR C 137 69.15 -19.17 22.85
N ALA C 138 69.60 -17.93 22.66
CA ALA C 138 69.55 -16.90 23.69
C ALA C 138 68.48 -15.88 23.30
N ALA C 139 68.07 -15.07 24.27
CA ALA C 139 67.18 -13.95 24.00
C ALA C 139 67.70 -12.70 24.69
N LEU C 140 67.48 -11.56 24.04
CA LEU C 140 67.88 -10.28 24.58
C LEU C 140 66.89 -9.25 24.06
N GLY C 141 67.00 -8.03 24.56
CA GLY C 141 66.09 -7.01 24.09
C GLY C 141 66.31 -5.66 24.77
N CYS C 142 65.34 -4.80 24.58
CA CYS C 142 65.37 -3.45 25.08
C CYS C 142 64.01 -3.13 25.64
N LEU C 143 63.99 -2.63 26.88
CA LEU C 143 62.79 -2.11 27.51
C LEU C 143 62.73 -0.62 27.25
N VAL C 144 61.65 -0.17 26.62
CA VAL C 144 61.46 1.22 26.24
C VAL C 144 60.35 1.80 27.11
N LYS C 145 60.73 2.51 28.17
CA LYS C 145 59.84 2.83 29.26
C LYS C 145 59.50 4.32 29.34
N ASP C 146 58.21 4.61 29.55
CA ASP C 146 57.74 5.93 30.00
C ASP C 146 57.84 7.00 28.94
N TYR C 147 57.05 6.89 27.87
CA TYR C 147 57.04 7.87 26.82
C TYR C 147 55.60 8.22 26.49
N PHE C 148 55.45 9.33 25.79
CA PHE C 148 54.15 9.87 25.39
C PHE C 148 54.43 10.99 24.42
N PRO C 149 53.69 11.08 23.32
CA PRO C 149 52.65 10.09 23.04
C PRO C 149 53.21 8.94 22.22
N GLU C 150 52.33 8.04 21.79
CA GLU C 150 52.72 7.03 20.85
C GLU C 150 52.96 7.66 19.48
N PRO C 151 53.62 6.95 18.56
CA PRO C 151 54.19 5.64 18.87
C PRO C 151 55.69 5.72 19.11
N VAL C 152 56.33 4.57 19.28
CA VAL C 152 57.77 4.42 19.14
C VAL C 152 58.01 3.26 18.20
N THR C 153 59.09 3.33 17.42
CA THR C 153 59.49 2.22 16.57
C THR C 153 60.84 1.71 17.04
N VAL C 154 61.05 0.42 16.90
CA VAL C 154 62.31 -0.20 17.27
C VAL C 154 62.85 -0.99 16.10
N SER C 155 64.14 -0.89 15.88
CA SER C 155 64.87 -1.79 15.02
C SER C 155 66.07 -2.32 15.79
N TRP C 156 66.68 -3.36 15.22
CA TRP C 156 67.90 -3.95 15.74
C TRP C 156 69.01 -3.87 14.69
N ASN C 157 70.21 -3.51 15.14
CA ASN C 157 71.37 -3.38 14.26
C ASN C 157 71.03 -2.58 13.01
N SER C 158 70.40 -1.43 13.25
CA SER C 158 70.03 -0.45 12.22
C SER C 158 69.14 -1.04 11.16
N GLY C 159 68.39 -2.09 11.47
CA GLY C 159 67.53 -2.73 10.51
C GLY C 159 68.10 -4.00 9.90
N ALA C 160 69.36 -4.33 10.17
CA ALA C 160 69.95 -5.54 9.60
C ALA C 160 69.50 -6.82 10.31
N LEU C 161 68.94 -6.72 11.52
CA LEU C 161 68.49 -7.89 12.27
C LEU C 161 66.96 -7.85 12.34
N THR C 162 66.31 -8.74 11.60
CA THR C 162 64.86 -8.65 11.49
C THR C 162 64.22 -10.00 11.84
N SER C 163 64.92 -11.09 11.57
CA SER C 163 64.37 -12.40 11.88
C SER C 163 64.39 -12.65 13.38
N GLY C 164 63.27 -13.16 13.90
CA GLY C 164 63.15 -13.46 15.32
C GLY C 164 62.87 -12.27 16.22
N VAL C 165 62.76 -11.07 15.67
CA VAL C 165 62.49 -9.90 16.48
C VAL C 165 61.00 -9.86 16.82
N HIS C 166 60.68 -9.50 18.06
CA HIS C 166 59.31 -9.23 18.46
C HIS C 166 59.32 -7.89 19.17
N THR C 167 58.59 -6.92 18.65
CA THR C 167 58.37 -5.64 19.31
C THR C 167 56.93 -5.65 19.76
N PHE C 168 56.71 -5.69 21.07
CA PHE C 168 55.36 -5.93 21.55
C PHE C 168 54.55 -4.65 21.42
N PRO C 169 53.22 -4.78 21.29
CA PRO C 169 52.35 -3.59 21.38
C PRO C 169 52.55 -2.90 22.72
N ALA C 170 52.59 -1.57 22.69
CA ALA C 170 52.77 -0.80 23.91
C ALA C 170 51.61 -1.02 24.88
N VAL C 171 51.92 -0.89 26.17
CA VAL C 171 50.89 -0.91 27.20
C VAL C 171 50.83 0.48 27.83
N LEU C 172 49.62 0.94 28.11
CA LEU C 172 49.41 2.15 28.89
C LEU C 172 49.59 1.81 30.37
N GLN C 173 50.58 2.43 31.00
CA GLN C 173 50.84 2.16 32.40
C GLN C 173 49.88 2.96 33.29
N SER C 174 49.78 2.55 34.56
CA SER C 174 48.94 3.29 35.50
C SER C 174 49.44 4.73 35.65
N SER C 175 50.74 4.94 35.44
CA SER C 175 51.37 6.24 35.41
C SER C 175 50.93 7.13 34.24
N GLY C 176 50.02 6.69 33.36
CA GLY C 176 49.63 7.49 32.21
C GLY C 176 50.63 7.58 31.06
N LEU C 177 51.79 6.94 31.18
CA LEU C 177 52.77 6.88 30.11
C LEU C 177 52.80 5.49 29.50
N TYR C 178 53.30 5.40 28.26
CA TYR C 178 53.39 4.12 27.56
C TYR C 178 54.73 3.44 27.81
N SER C 179 54.78 2.17 27.43
CA SER C 179 55.96 1.34 27.65
C SER C 179 55.84 0.08 26.79
N LEU C 180 56.95 -0.35 26.21
CA LEU C 180 56.98 -1.58 25.43
C LEU C 180 58.36 -2.20 25.53
N SER C 181 58.43 -3.47 25.13
CA SER C 181 59.70 -4.18 25.02
C SER C 181 59.87 -4.67 23.59
N SER C 182 61.10 -4.74 23.15
CA SER C 182 61.47 -5.31 21.87
C SER C 182 62.54 -6.35 22.14
N VAL C 183 62.28 -7.60 21.71
CA VAL C 183 63.20 -8.69 22.00
C VAL C 183 63.61 -9.36 20.70
N VAL C 184 64.73 -10.07 20.75
CA VAL C 184 65.12 -10.93 19.65
C VAL C 184 65.72 -12.21 20.22
N THR C 185 65.51 -13.34 19.52
CA THR C 185 66.24 -14.56 19.85
C THR C 185 67.41 -14.71 18.88
N VAL C 186 68.57 -15.08 19.42
CA VAL C 186 69.79 -15.23 18.65
C VAL C 186 70.54 -16.48 19.10
N PRO C 187 71.52 -16.91 18.32
CA PRO C 187 72.35 -18.05 18.73
C PRO C 187 73.20 -17.70 19.94
N SER C 188 73.16 -18.56 20.96
CA SER C 188 73.97 -18.35 22.14
C SER C 188 75.44 -18.13 21.77
N SER C 189 75.95 -18.90 20.80
CA SER C 189 77.35 -18.77 20.41
C SER C 189 77.65 -17.40 19.83
N SER C 190 76.63 -16.66 19.43
CA SER C 190 76.83 -15.33 18.88
C SER C 190 77.03 -14.28 19.96
N LEU C 191 76.66 -14.56 21.21
CA LEU C 191 76.93 -13.60 22.26
C LEU C 191 78.44 -13.47 22.45
N GLY C 192 78.92 -12.25 22.57
CA GLY C 192 80.35 -12.06 22.69
C GLY C 192 81.13 -12.10 21.40
N THR C 193 80.48 -12.35 20.26
CA THR C 193 81.11 -12.06 18.97
C THR C 193 80.28 -11.10 18.14
N GLN C 194 78.96 -11.25 18.11
CA GLN C 194 78.09 -10.32 17.42
C GLN C 194 77.62 -9.23 18.37
N THR C 195 77.73 -7.98 17.92
CA THR C 195 77.23 -6.84 18.67
C THR C 195 75.74 -6.63 18.39
N TYR C 196 74.96 -6.33 19.43
CA TYR C 196 73.51 -6.17 19.31
C TYR C 196 73.08 -4.82 19.84
N ILE C 197 72.47 -4.01 18.97
CA ILE C 197 72.06 -2.66 19.34
C ILE C 197 70.61 -2.48 18.93
N CYS C 198 69.80 -1.94 19.83
CA CYS C 198 68.43 -1.58 19.50
C CYS C 198 68.38 -0.09 19.22
N ASN C 199 67.66 0.27 18.16
CA ASN C 199 67.56 1.64 17.67
C ASN C 199 66.15 2.10 17.94
N VAL C 200 66.01 3.08 18.83
CA VAL C 200 64.71 3.49 19.34
C VAL C 200 64.43 4.90 18.90
N ASN C 201 63.30 5.09 18.24
CA ASN C 201 62.92 6.39 17.67
C ASN C 201 61.51 6.75 18.12
N HIS C 202 61.39 7.91 18.75
CA HIS C 202 60.11 8.46 19.19
C HIS C 202 59.88 9.74 18.39
N LYS C 203 59.25 9.64 17.21
CA LYS C 203 59.39 10.84 16.36
C LYS C 203 58.38 11.91 16.77
N PRO C 204 57.23 11.56 17.37
CA PRO C 204 56.41 12.57 18.05
C PRO C 204 57.19 13.46 19.03
N SER C 205 58.35 13.03 19.47
CA SER C 205 59.30 13.94 20.09
C SER C 205 60.64 13.97 19.36
N ASN C 206 60.78 13.23 18.27
CA ASN C 206 62.09 13.02 17.62
C ASN C 206 63.18 12.57 18.61
N THR C 207 62.84 11.67 19.54
CA THR C 207 63.83 11.03 20.40
C THR C 207 64.38 9.77 19.71
N LYS C 208 65.70 9.64 19.68
CA LYS C 208 66.37 8.56 18.95
C LYS C 208 67.52 8.06 19.81
N VAL C 209 67.51 6.77 20.16
CA VAL C 209 68.54 6.21 21.03
C VAL C 209 68.96 4.84 20.51
N ASP C 210 70.26 4.56 20.63
CA ASP C 210 70.87 3.29 20.23
C ASP C 210 71.50 2.69 21.48
N LYS C 211 70.92 1.62 21.99
CA LYS C 211 71.43 0.96 23.18
C LYS C 211 72.11 -0.34 22.76
N LYS C 212 73.37 -0.49 23.15
CA LYS C 212 74.02 -1.78 23.00
C LYS C 212 73.58 -2.68 24.15
N VAL C 213 73.14 -3.89 23.81
CA VAL C 213 72.66 -4.87 24.79
C VAL C 213 73.66 -6.01 24.80
N GLU C 214 74.33 -6.22 25.92
CA GLU C 214 75.34 -7.25 26.07
C GLU C 214 75.25 -7.97 27.41
N PRO C 215 75.94 -9.11 27.55
CA PRO C 215 75.92 -9.83 28.83
C PRO C 215 76.37 -8.96 29.98
N LYS C 216 75.67 -9.07 31.12
CA LYS C 216 76.04 -8.33 32.32
C LYS C 216 77.33 -8.88 32.90
N SER C 217 78.26 -7.99 33.22
CA SER C 217 79.61 -8.42 33.60
C SER C 217 79.66 -8.86 35.07
N CYS C 218 80.29 -10.02 35.30
CA CYS C 218 80.78 -10.40 36.62
C CYS C 218 82.28 -10.54 36.67
N ASP D 1 17.38 -3.22 27.05
CA ASP D 1 17.85 -3.32 25.68
C ASP D 1 17.97 -4.79 25.27
N ILE D 2 18.03 -5.06 23.96
CA ILE D 2 18.23 -6.42 23.48
C ILE D 2 19.71 -6.79 23.58
N GLN D 3 19.97 -7.97 24.14
CA GLN D 3 21.31 -8.55 24.19
C GLN D 3 21.53 -9.48 23.00
N MET D 4 22.67 -9.32 22.33
CA MET D 4 23.08 -10.22 21.25
C MET D 4 24.24 -11.06 21.79
N THR D 5 24.00 -12.35 21.98
CA THR D 5 25.02 -13.27 22.49
C THR D 5 25.67 -13.95 21.29
N GLN D 6 26.94 -13.63 21.05
CA GLN D 6 27.64 -14.13 19.90
C GLN D 6 28.68 -15.15 20.35
N SER D 7 28.71 -16.29 19.68
CA SER D 7 29.68 -17.33 19.98
C SER D 7 30.13 -17.98 18.68
N PRO D 8 31.33 -18.57 18.66
CA PRO D 8 32.27 -18.45 19.77
C PRO D 8 32.90 -17.07 19.74
N SER D 9 33.60 -16.70 20.81
CA SER D 9 34.34 -15.44 20.81
C SER D 9 35.70 -15.58 20.14
N SER D 10 36.25 -16.79 20.12
CA SER D 10 37.46 -17.11 19.39
C SER D 10 37.24 -18.42 18.66
N LEU D 11 37.61 -18.47 17.39
CA LEU D 11 37.43 -19.65 16.56
C LEU D 11 38.74 -19.93 15.83
N SER D 12 39.32 -21.10 16.07
CA SER D 12 40.53 -21.55 15.40
C SER D 12 40.14 -22.42 14.21
N ALA D 13 40.71 -22.14 13.03
CA ALA D 13 40.28 -22.83 11.82
C ALA D 13 41.42 -22.84 10.80
N SER D 14 41.29 -23.71 9.79
CA SER D 14 42.30 -23.87 8.75
C SER D 14 41.85 -23.24 7.44
N LEU D 15 42.83 -22.94 6.59
CA LEU D 15 42.50 -22.51 5.23
C LEU D 15 41.63 -23.54 4.55
N GLY D 16 40.68 -23.06 3.75
CA GLY D 16 39.74 -23.92 3.04
C GLY D 16 38.64 -24.50 3.88
N GLU D 17 38.66 -24.29 5.19
CA GLU D 17 37.62 -24.84 6.07
C GLU D 17 36.33 -24.02 5.97
N ARG D 18 35.21 -24.68 6.25
CA ARG D 18 33.90 -24.05 6.34
C ARG D 18 33.57 -23.86 7.82
N VAL D 19 33.22 -22.62 8.19
CA VAL D 19 32.99 -22.25 9.59
C VAL D 19 31.74 -21.40 9.69
N SER D 20 31.19 -21.33 10.90
CA SER D 20 30.00 -20.53 11.15
C SER D 20 30.11 -19.82 12.49
N LEU D 21 29.62 -18.57 12.52
CA LEU D 21 29.45 -17.79 13.75
C LEU D 21 27.97 -17.60 14.03
N THR D 22 27.61 -17.51 15.30
CA THR D 22 26.20 -17.41 15.66
C THR D 22 25.96 -16.32 16.68
N CYS D 23 24.84 -15.60 16.53
CA CYS D 23 24.35 -14.63 17.49
C CYS D 23 22.92 -15.02 17.85
N ARG D 24 22.63 -15.08 19.14
CA ARG D 24 21.25 -15.23 19.60
C ARG D 24 20.75 -13.89 20.15
N ALA D 25 19.58 -13.47 19.68
CA ALA D 25 18.95 -12.26 20.18
C ALA D 25 17.98 -12.61 21.30
N SER D 26 17.75 -11.64 22.20
CA SER D 26 16.72 -11.78 23.23
C SER D 26 15.31 -11.48 22.75
N GLN D 27 15.07 -11.15 21.49
CA GLN D 27 13.72 -10.79 21.07
C GLN D 27 13.59 -10.95 19.57
N ASP D 28 12.38 -11.27 19.13
CA ASP D 28 12.12 -11.28 17.69
C ASP D 28 12.71 -10.00 17.14
N ILE D 29 13.92 -10.10 16.56
CA ILE D 29 14.48 -8.99 15.81
C ILE D 29 14.21 -9.13 14.31
N GLY D 30 13.43 -10.15 13.92
CA GLY D 30 13.07 -10.29 12.52
C GLY D 30 14.30 -10.58 11.69
N ILE D 31 14.52 -9.75 10.67
CA ILE D 31 15.74 -9.80 9.88
C ILE D 31 16.59 -8.57 10.13
N SER D 32 16.31 -7.83 11.20
CA SER D 32 16.99 -6.56 11.49
C SER D 32 18.38 -6.80 12.07
N LEU D 33 19.24 -7.44 11.27
CA LEU D 33 20.58 -7.78 11.75
C LEU D 33 21.57 -7.67 10.61
N ASN D 34 22.71 -7.04 10.88
CA ASN D 34 23.85 -7.00 9.98
C ASN D 34 24.99 -7.83 10.56
N TRP D 35 25.82 -8.38 9.66
CA TRP D 35 27.13 -8.90 10.02
C TRP D 35 28.23 -7.95 9.54
N LEU D 36 29.13 -7.57 10.45
CA LEU D 36 30.24 -6.67 10.15
C LEU D 36 31.58 -7.41 10.28
N GLN D 37 32.56 -6.97 9.49
CA GLN D 37 33.92 -7.50 9.53
C GLN D 37 34.88 -6.35 9.85
N GLN D 38 35.79 -6.57 10.79
CA GLN D 38 36.75 -5.54 11.18
C GLN D 38 38.16 -6.07 11.01
N GLU D 39 38.97 -5.30 10.26
CA GLU D 39 40.36 -5.61 9.95
C GLU D 39 41.28 -5.22 11.10
N PRO D 40 42.47 -5.80 11.15
CA PRO D 40 43.41 -5.47 12.24
C PRO D 40 43.70 -3.98 12.36
N ASP D 41 43.74 -3.25 11.25
CA ASP D 41 43.96 -1.82 11.36
C ASP D 41 42.72 -1.05 11.78
N GLY D 42 41.59 -1.72 12.02
CA GLY D 42 40.40 -1.04 12.54
C GLY D 42 39.33 -0.71 11.51
N THR D 43 39.58 -0.96 10.23
CA THR D 43 38.56 -0.75 9.22
C THR D 43 37.37 -1.65 9.47
N ILE D 44 36.17 -1.07 9.44
CA ILE D 44 34.93 -1.82 9.59
C ILE D 44 34.20 -1.80 8.26
N LYS D 45 33.58 -2.93 7.93
CA LYS D 45 32.89 -3.09 6.66
C LYS D 45 31.66 -3.96 6.88
N ARG D 46 30.53 -3.57 6.30
CA ARG D 46 29.34 -4.41 6.35
C ARG D 46 29.45 -5.52 5.33
N LEU D 47 29.23 -6.77 5.77
CA LEU D 47 29.25 -7.92 4.87
C LEU D 47 27.86 -8.41 4.50
N ILE D 48 26.99 -8.57 5.50
CA ILE D 48 25.63 -9.06 5.30
C ILE D 48 24.66 -8.03 5.88
N TYR D 49 23.59 -7.76 5.14
CA TYR D 49 22.59 -6.77 5.51
C TYR D 49 21.24 -7.46 5.64
N ALA D 50 20.51 -7.12 6.69
CA ALA D 50 19.20 -7.72 6.91
C ALA D 50 19.26 -9.25 6.85
N THR D 51 20.14 -9.81 7.68
CA THR D 51 20.21 -11.25 7.92
C THR D 51 20.79 -12.08 6.78
N SER D 52 20.44 -11.82 5.51
CA SER D 52 20.84 -12.73 4.46
C SER D 52 21.32 -12.08 3.17
N SER D 53 21.28 -10.76 3.06
CA SER D 53 21.62 -10.09 1.82
C SER D 53 23.12 -9.81 1.79
N LEU D 54 23.81 -10.40 0.81
CA LEU D 54 25.25 -10.24 0.65
C LEU D 54 25.56 -8.91 -0.04
N ASP D 55 26.27 -8.01 0.65
CA ASP D 55 26.52 -6.68 0.09
C ASP D 55 27.34 -6.79 -1.19
N SER D 56 27.15 -5.80 -2.07
CA SER D 56 27.89 -5.77 -3.31
C SER D 56 29.39 -5.71 -3.03
N GLY D 57 30.16 -6.51 -3.76
CA GLY D 57 31.59 -6.54 -3.62
C GLY D 57 32.11 -7.47 -2.54
N VAL D 58 31.23 -8.01 -1.72
CA VAL D 58 31.65 -8.97 -0.70
C VAL D 58 31.78 -10.35 -1.35
N PRO D 59 32.87 -11.08 -1.12
CA PRO D 59 33.06 -12.36 -1.83
C PRO D 59 31.94 -13.33 -1.54
N LYS D 60 31.66 -14.18 -2.55
CA LYS D 60 30.54 -15.11 -2.51
C LYS D 60 30.62 -16.11 -1.37
N ARG D 61 31.82 -16.37 -0.82
CA ARG D 61 31.92 -17.39 0.23
C ARG D 61 31.24 -16.97 1.52
N PHE D 62 30.91 -15.68 1.67
CA PHE D 62 30.17 -15.21 2.83
C PHE D 62 28.68 -15.35 2.61
N SER D 63 27.99 -15.86 3.62
CA SER D 63 26.54 -16.03 3.56
C SER D 63 25.99 -15.91 4.98
N GLY D 64 24.77 -15.40 5.09
CA GLY D 64 24.11 -15.25 6.37
C GLY D 64 22.75 -15.91 6.36
N SER D 65 22.36 -16.43 7.52
CA SER D 65 21.16 -17.24 7.60
C SER D 65 20.56 -17.08 8.98
N ARG D 66 19.38 -17.67 9.17
CA ARG D 66 18.64 -17.51 10.41
C ARG D 66 17.91 -18.79 10.75
N SER D 67 17.81 -19.07 12.04
CA SER D 67 16.96 -20.17 12.53
C SER D 67 16.36 -19.74 13.86
N GLY D 68 15.09 -19.33 13.83
CA GLY D 68 14.44 -18.80 15.01
C GLY D 68 15.07 -17.51 15.45
N SER D 69 15.56 -17.46 16.69
CA SER D 69 16.31 -16.31 17.16
C SER D 69 17.82 -16.55 17.11
N ASP D 70 18.27 -17.46 16.25
CA ASP D 70 19.69 -17.74 16.02
C ASP D 70 20.07 -17.29 14.62
N TYR D 71 21.02 -16.37 14.53
CA TYR D 71 21.50 -15.81 13.28
C TYR D 71 22.94 -16.27 13.04
N SER D 72 23.22 -16.75 11.82
CA SER D 72 24.51 -17.33 11.50
C SER D 72 25.16 -16.63 10.32
N LEU D 73 26.47 -16.41 10.44
CA LEU D 73 27.35 -16.01 9.36
C LEU D 73 28.24 -17.19 9.03
N THR D 74 28.19 -17.67 7.79
CA THR D 74 28.92 -18.85 7.37
C THR D 74 29.91 -18.44 6.30
N ILE D 75 31.12 -18.99 6.40
CA ILE D 75 32.19 -18.79 5.41
C ILE D 75 32.48 -20.16 4.80
N SER D 76 32.09 -20.34 3.54
CA SER D 76 32.12 -21.69 2.96
C SER D 76 33.53 -22.26 2.86
N SER D 77 34.55 -21.41 2.69
CA SER D 77 35.93 -21.91 2.50
C SER D 77 36.94 -20.81 2.85
N LEU D 78 37.62 -20.93 3.99
CA LEU D 78 38.35 -19.78 4.53
C LEU D 78 39.56 -19.41 3.67
N GLU D 79 39.77 -18.11 3.51
CA GLU D 79 40.92 -17.54 2.83
C GLU D 79 41.78 -16.79 3.84
N SER D 80 43.05 -16.57 3.47
CA SER D 80 44.01 -16.02 4.43
C SER D 80 43.51 -14.73 5.05
N GLU D 81 42.89 -13.85 4.26
CA GLU D 81 42.45 -12.55 4.76
C GLU D 81 41.15 -12.60 5.58
N ASP D 82 40.53 -13.76 5.70
CA ASP D 82 39.30 -13.84 6.49
C ASP D 82 39.56 -13.98 8.00
N PHE D 83 40.82 -14.13 8.41
CA PHE D 83 41.11 -14.43 9.81
C PHE D 83 41.17 -13.13 10.61
N VAL D 84 40.00 -12.51 10.73
CA VAL D 84 39.89 -11.23 11.42
C VAL D 84 38.71 -11.27 12.40
N ASP D 85 38.19 -10.11 12.76
CA ASP D 85 37.09 -10.03 13.73
C ASP D 85 35.76 -9.85 13.01
N TYR D 86 34.70 -10.44 13.58
CA TYR D 86 33.34 -10.31 13.07
C TYR D 86 32.40 -9.93 14.21
N TYR D 87 31.42 -9.07 13.89
CA TYR D 87 30.40 -8.63 14.84
C TYR D 87 29.02 -8.69 14.20
N CYS D 88 28.05 -9.17 14.96
CA CYS D 88 26.69 -8.95 14.53
C CYS D 88 26.11 -7.71 15.18
N LEU D 89 25.01 -7.23 14.63
CA LEU D 89 24.40 -5.97 15.04
C LEU D 89 22.90 -6.05 14.78
N GLN D 90 22.10 -5.76 15.79
CA GLN D 90 20.66 -5.68 15.67
C GLN D 90 20.24 -4.22 15.69
N TYR D 91 19.27 -3.88 14.83
CA TYR D 91 18.64 -2.56 14.82
C TYR D 91 17.12 -2.68 14.84
N ALA D 92 16.58 -3.78 15.37
CA ALA D 92 15.14 -3.92 15.50
C ALA D 92 14.60 -3.05 16.62
N SER D 93 15.37 -2.88 17.69
CA SER D 93 14.98 -2.09 18.85
C SER D 93 16.10 -1.09 19.15
N SER D 94 15.72 0.17 19.37
CA SER D 94 16.72 1.12 19.80
C SER D 94 16.91 1.02 21.31
N PRO D 95 18.14 1.10 21.82
CA PRO D 95 19.39 1.33 21.09
C PRO D 95 19.87 0.10 20.33
N TYR D 96 20.35 0.31 19.11
CA TYR D 96 21.00 -0.78 18.39
C TYR D 96 22.13 -1.33 19.23
N THR D 97 22.47 -2.59 18.97
CA THR D 97 23.27 -3.30 19.94
C THR D 97 24.07 -4.41 19.23
N PHE D 98 25.36 -4.52 19.57
CA PHE D 98 26.26 -5.45 18.88
C PHE D 98 26.46 -6.70 19.71
N GLY D 99 26.69 -7.82 19.02
CA GLY D 99 27.26 -8.99 19.67
C GLY D 99 28.68 -8.73 20.19
N GLY D 100 29.17 -9.67 21.01
CA GLY D 100 30.48 -9.48 21.63
C GLY D 100 31.66 -9.61 20.69
N GLY D 101 31.47 -10.21 19.53
CA GLY D 101 32.53 -10.32 18.55
C GLY D 101 33.15 -11.72 18.52
N THR D 102 33.70 -12.07 17.35
CA THR D 102 34.43 -13.31 17.14
C THR D 102 35.76 -13.00 16.47
N LYS D 103 36.85 -13.49 17.04
CA LYS D 103 38.16 -13.41 16.41
C LYS D 103 38.42 -14.75 15.73
N LEU D 104 38.61 -14.73 14.41
CA LEU D 104 39.04 -15.94 13.71
C LEU D 104 40.56 -15.94 13.66
N GLU D 105 41.17 -17.06 14.08
CA GLU D 105 42.62 -17.19 14.06
C GLU D 105 42.98 -18.54 13.43
N ILE D 106 44.26 -18.71 13.09
CA ILE D 106 44.70 -19.78 12.22
C ILE D 106 45.22 -20.93 13.07
N LYS D 107 44.76 -22.14 12.74
CA LYS D 107 45.14 -23.34 13.45
C LYS D 107 46.49 -23.85 12.95
N ARG D 108 47.31 -24.34 13.86
CA ARG D 108 48.59 -24.97 13.53
C ARG D 108 48.89 -25.94 14.66
N THR D 109 50.00 -26.66 14.53
CA THR D 109 50.37 -27.59 15.58
C THR D 109 50.72 -26.84 16.87
N VAL D 110 50.57 -27.54 17.98
CA VAL D 110 50.98 -26.99 19.28
C VAL D 110 52.47 -26.72 19.28
N ALA D 111 52.85 -25.56 19.80
CA ALA D 111 54.24 -25.21 19.99
C ALA D 111 54.41 -24.59 21.36
N ALA D 112 55.29 -25.18 22.17
CA ALA D 112 55.57 -24.65 23.50
C ALA D 112 56.38 -23.35 23.40
N PRO D 113 56.19 -22.42 24.32
CA PRO D 113 57.07 -21.24 24.36
C PRO D 113 58.45 -21.60 24.88
N SER D 114 59.47 -20.93 24.35
CA SER D 114 60.71 -20.75 25.08
C SER D 114 60.55 -19.54 26.01
N VAL D 115 60.93 -19.73 27.26
CA VAL D 115 60.70 -18.76 28.33
C VAL D 115 62.02 -18.14 28.73
N PHE D 116 62.03 -16.83 28.91
CA PHE D 116 63.21 -16.09 29.36
C PHE D 116 62.79 -15.08 30.40
N ILE D 117 63.64 -14.84 31.39
CA ILE D 117 63.39 -13.83 32.42
C ILE D 117 64.55 -12.83 32.39
N PHE D 118 64.23 -11.55 32.57
CA PHE D 118 65.25 -10.49 32.57
C PHE D 118 65.15 -9.68 33.86
N PRO D 119 66.23 -9.52 34.61
CA PRO D 119 66.18 -8.65 35.81
C PRO D 119 66.27 -7.18 35.41
N PRO D 120 65.98 -6.26 36.32
CA PRO D 120 66.12 -4.83 35.98
C PRO D 120 67.59 -4.45 35.81
N SER D 121 67.85 -3.50 34.91
CA SER D 121 69.19 -2.94 34.78
C SER D 121 69.54 -2.09 36.01
N ASP D 122 70.84 -2.03 36.31
CA ASP D 122 71.35 -1.10 37.32
C ASP D 122 70.88 0.32 37.04
N GLU D 123 70.92 0.73 35.78
CA GLU D 123 70.55 2.10 35.43
C GLU D 123 69.10 2.40 35.82
N GLN D 124 68.19 1.45 35.58
CA GLN D 124 66.79 1.74 35.90
C GLN D 124 66.61 1.88 37.40
N LEU D 125 67.34 1.09 38.18
CA LEU D 125 67.16 1.14 39.62
C LEU D 125 67.40 2.54 40.17
N LYS D 126 68.27 3.31 39.52
CA LYS D 126 68.58 4.66 39.98
C LYS D 126 67.37 5.57 39.90
N SER D 127 66.48 5.32 38.93
CA SER D 127 65.23 6.07 38.82
C SER D 127 64.21 5.72 39.91
N GLY D 128 64.50 4.75 40.79
CA GLY D 128 63.57 4.35 41.82
C GLY D 128 62.52 3.34 41.43
N THR D 129 62.61 2.74 40.24
CA THR D 129 61.64 1.74 39.81
C THR D 129 62.37 0.53 39.23
N ALA D 130 61.77 -0.67 39.35
CA ALA D 130 62.40 -1.87 38.82
C ALA D 130 61.40 -2.65 37.99
N SER D 131 61.74 -2.87 36.73
CA SER D 131 60.94 -3.68 35.82
C SER D 131 61.60 -5.05 35.67
N VAL D 132 60.84 -6.12 35.90
CA VAL D 132 61.28 -7.48 35.64
C VAL D 132 60.46 -8.02 34.49
N VAL D 133 61.11 -8.62 33.51
CA VAL D 133 60.44 -8.95 32.25
C VAL D 133 60.53 -10.45 32.03
N CYS D 134 59.39 -11.04 31.72
CA CYS D 134 59.29 -12.45 31.38
C CYS D 134 58.78 -12.58 29.94
N LEU D 135 59.51 -13.35 29.13
CA LEU D 135 59.23 -13.49 27.70
C LEU D 135 58.83 -14.92 27.36
N LEU D 136 57.67 -15.07 26.73
CA LEU D 136 57.23 -16.33 26.11
C LEU D 136 57.35 -16.17 24.61
N ASN D 137 58.22 -16.96 23.99
CA ASN D 137 58.61 -16.77 22.60
C ASN D 137 57.99 -17.86 21.74
N ASN D 138 57.08 -17.49 20.84
CA ASN D 138 56.68 -18.28 19.66
C ASN D 138 55.93 -19.56 20.06
N PHE D 139 54.75 -19.37 20.63
CA PHE D 139 53.98 -20.49 21.13
C PHE D 139 52.64 -20.57 20.42
N TYR D 140 51.98 -21.71 20.56
CA TYR D 140 50.65 -21.91 20.03
C TYR D 140 49.97 -23.04 20.81
N PRO D 141 48.70 -22.89 21.20
CA PRO D 141 47.77 -21.79 20.94
C PRO D 141 47.99 -20.56 21.87
N ARG D 142 47.11 -19.57 21.73
CA ARG D 142 47.31 -18.27 22.39
C ARG D 142 47.28 -18.38 23.90
N GLU D 143 46.47 -19.28 24.44
CA GLU D 143 46.23 -19.33 25.88
C GLU D 143 47.49 -19.73 26.60
N ALA D 144 47.85 -18.94 27.62
CA ALA D 144 49.06 -19.17 28.39
C ALA D 144 48.89 -18.50 29.76
N LYS D 145 49.34 -19.18 30.81
CA LYS D 145 49.25 -18.66 32.16
C LYS D 145 50.65 -18.27 32.62
N VAL D 146 50.81 -17.02 33.06
CA VAL D 146 52.10 -16.53 33.53
C VAL D 146 51.90 -15.98 34.93
N GLN D 147 52.58 -16.58 35.90
CA GLN D 147 52.49 -16.23 37.31
C GLN D 147 53.83 -15.74 37.81
N TRP D 148 53.83 -14.60 38.50
CA TRP D 148 55.05 -14.06 39.09
C TRP D 148 55.17 -14.53 40.54
N LYS D 149 56.40 -14.88 40.94
CA LYS D 149 56.71 -15.23 42.33
C LYS D 149 57.91 -14.42 42.79
N VAL D 150 57.79 -13.82 43.97
CA VAL D 150 58.87 -13.08 44.62
C VAL D 150 59.10 -13.74 45.96
N ASP D 151 60.32 -14.23 46.20
CA ASP D 151 60.60 -15.09 47.36
C ASP D 151 59.51 -16.15 47.48
N ASN D 152 59.18 -16.75 46.33
CA ASN D 152 58.22 -17.84 46.21
C ASN D 152 56.81 -17.47 46.69
N ALA D 153 56.45 -16.19 46.73
CA ALA D 153 55.06 -15.80 46.99
C ALA D 153 54.37 -15.30 45.73
N LEU D 154 53.15 -15.78 45.52
CA LEU D 154 52.38 -15.43 44.32
C LEU D 154 52.08 -13.93 44.30
N GLN D 155 52.36 -13.32 43.16
CA GLN D 155 52.15 -11.89 42.97
C GLN D 155 50.79 -11.64 42.33
N SER D 156 50.18 -10.51 42.70
CA SER D 156 48.94 -10.09 42.09
C SER D 156 48.92 -8.57 41.97
N GLY D 157 48.38 -8.07 40.86
CA GLY D 157 48.09 -6.66 40.68
C GLY D 157 49.24 -5.78 40.22
N ASN D 158 50.47 -6.30 40.17
CA ASN D 158 51.65 -5.50 39.81
C ASN D 158 52.29 -5.91 38.49
N SER D 159 51.56 -6.60 37.61
CA SER D 159 52.13 -6.96 36.32
C SER D 159 51.16 -6.66 35.19
N GLN D 160 51.74 -6.41 34.00
CA GLN D 160 51.01 -6.16 32.77
C GLN D 160 51.55 -7.08 31.68
N GLU D 161 50.66 -7.58 30.84
CA GLU D 161 51.02 -8.45 29.74
C GLU D 161 50.79 -7.76 28.41
N SER D 162 51.59 -8.15 27.41
CA SER D 162 51.39 -7.72 26.02
C SER D 162 51.63 -8.92 25.10
N VAL D 163 50.73 -9.11 24.14
CA VAL D 163 50.83 -10.23 23.21
C VAL D 163 50.95 -9.70 21.80
N THR D 164 51.78 -10.34 21.01
CA THR D 164 51.83 -10.01 19.60
C THR D 164 50.61 -10.59 18.89
N GLU D 165 50.36 -10.06 17.71
CA GLU D 165 49.39 -10.66 16.82
C GLU D 165 49.96 -11.96 16.27
N GLN D 166 49.07 -12.85 15.85
CA GLN D 166 49.50 -14.12 15.27
C GLN D 166 50.53 -13.88 14.17
N ASP D 167 51.66 -14.58 14.26
CA ASP D 167 52.77 -14.30 13.35
C ASP D 167 52.40 -14.65 11.92
N SER D 168 52.78 -13.76 10.97
CA SER D 168 52.38 -13.98 9.59
C SER D 168 53.14 -15.11 8.91
N LYS D 169 54.31 -15.50 9.44
CA LYS D 169 55.11 -16.58 8.86
C LYS D 169 54.92 -17.94 9.52
N ASP D 170 54.71 -18.01 10.83
CA ASP D 170 54.58 -19.30 11.49
C ASP D 170 53.35 -19.42 12.37
N SER D 171 52.47 -18.40 12.38
CA SER D 171 51.18 -18.45 13.05
C SER D 171 51.27 -18.69 14.58
N THR D 172 52.43 -18.39 15.21
CA THR D 172 52.59 -18.43 16.66
C THR D 172 52.31 -17.05 17.29
N TYR D 173 52.18 -17.05 18.61
CA TYR D 173 52.12 -15.82 19.39
C TYR D 173 53.38 -15.70 20.25
N SER D 174 53.65 -14.47 20.66
CA SER D 174 54.70 -14.17 21.62
C SER D 174 54.12 -13.26 22.67
N LEU D 175 54.61 -13.39 23.91
CA LEU D 175 54.01 -12.65 25.01
C LEU D 175 55.11 -12.15 25.95
N SER D 176 54.91 -10.94 26.47
CA SER D 176 55.75 -10.40 27.52
C SER D 176 54.89 -10.19 28.75
N SER D 177 55.45 -10.43 29.92
CA SER D 177 54.81 -10.01 31.16
C SER D 177 55.84 -9.17 31.91
N THR D 178 55.39 -8.02 32.41
CA THR D 178 56.29 -7.07 33.07
C THR D 178 55.81 -6.84 34.49
N LEU D 179 56.63 -7.23 35.44
CA LEU D 179 56.38 -6.99 36.85
C LEU D 179 57.01 -5.65 37.20
N THR D 180 56.22 -4.73 37.76
CA THR D 180 56.75 -3.41 38.08
C THR D 180 56.73 -3.24 39.59
N LEU D 181 57.90 -2.99 40.17
CA LEU D 181 58.07 -2.78 41.60
C LEU D 181 58.86 -1.50 41.82
N SER D 182 58.55 -0.81 42.93
CA SER D 182 59.42 0.26 43.35
C SER D 182 60.78 -0.31 43.72
N LYS D 183 61.81 0.52 43.70
CA LYS D 183 63.13 0.06 44.13
C LYS D 183 63.08 -0.46 45.55
N ALA D 184 62.33 0.23 46.42
CA ALA D 184 62.21 -0.20 47.82
C ALA D 184 61.75 -1.64 47.92
N ASP D 185 60.61 -1.94 47.29
CA ASP D 185 60.13 -3.31 47.33
C ASP D 185 61.09 -4.27 46.63
N TYR D 186 61.71 -3.84 45.52
CA TYR D 186 62.62 -4.74 44.79
C TYR D 186 63.80 -5.19 45.66
N GLU D 187 64.40 -4.24 46.39
CA GLU D 187 65.54 -4.56 47.25
C GLU D 187 65.11 -5.19 48.58
N LYS D 188 63.82 -5.26 48.87
CA LYS D 188 63.36 -6.00 50.03
C LYS D 188 63.34 -7.51 49.83
N HIS D 189 63.55 -8.01 48.62
CA HIS D 189 63.39 -9.43 48.31
C HIS D 189 64.55 -9.94 47.47
N LYS D 190 64.64 -11.27 47.37
CA LYS D 190 65.77 -11.93 46.73
C LYS D 190 65.43 -12.70 45.47
N VAL D 191 64.42 -13.57 45.50
CA VAL D 191 64.18 -14.54 44.41
C VAL D 191 63.06 -14.03 43.54
N TYR D 192 63.32 -13.94 42.23
CA TYR D 192 62.37 -13.42 41.25
C TYR D 192 62.15 -14.52 40.21
N ALA D 193 60.89 -14.89 39.99
CA ALA D 193 60.61 -16.06 39.16
C ALA D 193 59.34 -15.85 38.35
N CYS D 194 59.38 -16.38 37.15
CA CYS D 194 58.27 -16.43 36.23
C CYS D 194 57.89 -17.88 36.06
N GLU D 195 56.62 -18.21 36.30
CA GLU D 195 56.11 -19.57 36.14
C GLU D 195 55.13 -19.61 34.99
N VAL D 196 55.38 -20.49 34.01
CA VAL D 196 54.61 -20.50 32.77
C VAL D 196 53.88 -21.84 32.60
N THR D 197 52.58 -21.75 32.39
CA THR D 197 51.75 -22.89 32.09
C THR D 197 51.22 -22.75 30.67
N HIS D 198 51.42 -23.79 29.86
CA HIS D 198 50.98 -23.79 28.46
C HIS D 198 50.73 -25.22 27.99
N GLN D 199 49.78 -25.37 27.08
CA GLN D 199 49.39 -26.70 26.57
C GLN D 199 50.57 -27.48 26.03
N GLY D 200 51.55 -26.81 25.43
CA GLY D 200 52.69 -27.50 24.86
C GLY D 200 53.77 -27.89 25.84
N LEU D 201 53.64 -27.50 27.09
CA LEU D 201 54.60 -27.88 28.13
C LEU D 201 53.92 -28.88 29.04
N SER D 202 54.61 -29.97 29.36
CA SER D 202 54.01 -31.04 30.15
C SER D 202 53.90 -30.70 31.64
N SER D 203 54.64 -29.69 32.09
CA SER D 203 54.60 -29.21 33.47
C SER D 203 54.86 -27.71 33.44
N PRO D 204 54.48 -26.98 34.49
CA PRO D 204 54.84 -25.55 34.56
C PRO D 204 56.36 -25.37 34.50
N VAL D 205 56.80 -24.37 33.75
CA VAL D 205 58.22 -24.07 33.60
C VAL D 205 58.51 -22.78 34.38
N THR D 206 59.58 -22.79 35.17
CA THR D 206 59.95 -21.64 35.98
C THR D 206 61.31 -21.14 35.56
N LYS D 207 61.41 -19.85 35.23
CA LYS D 207 62.70 -19.20 35.03
C LYS D 207 62.88 -18.16 36.14
N SER D 208 64.10 -18.04 36.67
CA SER D 208 64.26 -17.15 37.82
C SER D 208 65.70 -16.66 37.93
N PHE D 209 65.89 -15.65 38.77
CA PHE D 209 67.20 -15.13 39.15
C PHE D 209 67.13 -14.71 40.62
N ASN D 210 68.30 -14.53 41.24
CA ASN D 210 68.41 -13.93 42.56
C ASN D 210 68.95 -12.50 42.45
N ARG D 211 68.29 -11.55 43.11
CA ARG D 211 68.74 -10.17 43.05
C ARG D 211 70.22 -10.11 43.44
N GLY D 212 71.02 -9.47 42.59
CA GLY D 212 72.41 -9.21 42.90
C GLY D 212 73.42 -10.31 42.59
N GLU D 213 73.00 -11.44 41.99
CA GLU D 213 73.90 -12.53 41.67
C GLU D 213 73.98 -12.72 40.16
N CYS D 214 75.11 -13.23 39.66
CA CYS D 214 75.20 -13.58 38.23
C CYS D 214 74.74 -14.99 37.93
N MET E 4 23.06 -41.12 -40.40
CA MET E 4 24.02 -40.34 -41.18
C MET E 4 23.60 -38.87 -41.26
N ILE E 5 23.94 -38.09 -40.24
CA ILE E 5 24.66 -38.60 -39.07
C ILE E 5 23.91 -38.21 -37.78
N GLY E 6 23.82 -39.16 -36.85
CA GLY E 6 23.06 -38.95 -35.62
C GLY E 6 23.88 -38.24 -34.57
N LEU E 7 23.30 -37.18 -33.99
CA LEU E 7 23.93 -36.39 -32.95
C LEU E 7 22.82 -35.61 -32.25
N PRO E 8 22.86 -35.46 -30.93
CA PRO E 8 21.78 -34.77 -30.22
C PRO E 8 21.71 -33.30 -30.59
N PRO E 9 20.60 -32.63 -30.29
CA PRO E 9 20.48 -31.21 -30.60
C PRO E 9 21.11 -30.37 -29.50
N PRO E 10 21.32 -29.07 -29.74
CA PRO E 10 21.99 -28.23 -28.73
C PRO E 10 21.01 -27.76 -27.68
N ARG E 11 21.36 -27.96 -26.41
CA ARG E 11 20.60 -27.38 -25.33
C ARG E 11 20.97 -25.90 -25.22
N GLY E 12 20.41 -25.23 -24.21
CA GLY E 12 20.52 -23.77 -24.17
C GLY E 12 19.80 -23.13 -25.33
N LEU E 13 18.71 -23.74 -25.79
CA LEU E 13 17.98 -23.26 -26.95
C LEU E 13 16.98 -22.20 -26.52
N ASN E 14 17.08 -21.01 -27.11
CA ASN E 14 16.26 -19.86 -26.75
C ASN E 14 15.54 -19.37 -27.99
N LEU E 15 14.24 -19.19 -27.89
CA LEU E 15 13.44 -18.59 -28.96
C LEU E 15 12.69 -17.41 -28.37
N LEU E 16 13.02 -16.20 -28.83
CA LEU E 16 12.49 -14.99 -28.26
C LEU E 16 12.05 -14.04 -29.37
N PRO E 17 10.96 -13.31 -29.16
CA PRO E 17 10.56 -12.30 -30.13
C PRO E 17 11.51 -11.11 -30.12
N LYS E 18 11.71 -10.54 -31.30
CA LYS E 18 12.51 -9.33 -31.43
C LYS E 18 11.78 -8.23 -32.18
N SER E 19 10.58 -8.49 -32.68
CA SER E 19 9.79 -7.49 -33.40
C SER E 19 8.50 -8.17 -33.84
N GLN E 20 7.60 -7.37 -34.40
CA GLN E 20 6.36 -7.90 -34.95
C GLN E 20 6.59 -8.91 -36.07
N THR E 21 7.81 -9.00 -36.63
CA THR E 21 8.04 -9.81 -37.80
C THR E 21 9.24 -10.72 -37.67
N THR E 22 9.95 -10.72 -36.55
CA THR E 22 11.15 -11.53 -36.43
C THR E 22 11.25 -12.13 -35.03
N LEU E 23 11.72 -13.37 -34.99
CA LEU E 23 12.05 -14.04 -33.74
C LEU E 23 13.50 -14.52 -33.81
N ASN E 24 14.19 -14.49 -32.68
CA ASN E 24 15.59 -14.88 -32.62
C ASN E 24 15.75 -16.18 -31.84
N LEU E 25 16.60 -17.05 -32.36
CA LEU E 25 16.85 -18.37 -31.78
C LEU E 25 18.35 -18.50 -31.50
N THR E 26 18.69 -18.89 -30.27
CA THR E 26 20.08 -19.03 -29.87
C THR E 26 20.30 -20.38 -29.19
N TRP E 27 21.56 -20.81 -29.16
CA TRP E 27 21.94 -22.07 -28.54
C TRP E 27 23.42 -22.01 -28.18
N GLN E 28 23.95 -23.12 -27.67
CA GLN E 28 25.30 -23.16 -27.12
C GLN E 28 26.31 -23.43 -28.21
N PRO E 29 27.60 -23.28 -27.91
CA PRO E 29 28.65 -23.58 -28.89
C PRO E 29 28.71 -25.06 -29.22
N ILE E 30 29.51 -25.36 -30.23
CA ILE E 30 29.41 -26.63 -30.93
C ILE E 30 30.19 -27.72 -30.19
N PHE E 31 29.93 -28.95 -30.58
CA PHE E 31 30.72 -30.10 -30.16
C PHE E 31 32.10 -30.02 -30.82
N PRO E 32 33.19 -29.98 -30.06
CA PRO E 32 34.51 -29.88 -30.69
C PRO E 32 35.19 -31.23 -30.87
N SER E 33 34.70 -32.03 -31.82
CA SER E 33 35.30 -33.32 -32.14
C SER E 33 35.61 -33.48 -33.63
N SER E 34 34.68 -33.09 -34.50
CA SER E 34 34.88 -33.18 -35.94
C SER E 34 33.78 -32.39 -36.62
N GLU E 35 34.03 -31.96 -37.85
CA GLU E 35 33.01 -31.34 -38.67
C GLU E 35 33.19 -31.79 -40.12
N ASP E 36 32.20 -31.46 -40.95
CA ASP E 36 31.98 -32.23 -42.16
C ASP E 36 32.68 -31.66 -43.41
N ASP E 37 32.40 -30.42 -43.84
CA ASP E 37 31.63 -29.30 -43.26
C ASP E 37 30.39 -29.49 -42.37
N PHE E 38 30.46 -28.94 -41.15
CA PHE E 38 29.36 -29.04 -40.20
C PHE E 38 28.34 -27.91 -40.39
N TYR E 39 27.05 -28.27 -40.31
CA TYR E 39 25.94 -27.33 -40.43
C TYR E 39 24.86 -27.69 -39.42
N VAL E 40 24.00 -26.71 -39.12
CA VAL E 40 22.82 -26.92 -38.29
C VAL E 40 21.63 -26.25 -38.97
N GLU E 41 20.47 -26.89 -38.90
CA GLU E 41 19.28 -26.44 -39.59
C GLU E 41 18.13 -26.27 -38.62
N VAL E 42 17.19 -25.40 -39.01
CA VAL E 42 16.10 -24.99 -38.13
C VAL E 42 14.82 -24.90 -38.95
N GLU E 43 13.72 -25.32 -38.34
CA GLU E 43 12.42 -25.36 -39.00
C GLU E 43 11.41 -24.56 -38.17
N ARG E 44 10.69 -23.67 -38.84
CA ARG E 44 9.71 -22.83 -38.18
C ARG E 44 8.38 -22.92 -38.92
N ARG E 45 7.29 -23.06 -38.16
CA ARG E 45 5.96 -23.18 -38.74
C ARG E 45 4.96 -22.35 -37.95
N SER E 46 3.96 -21.84 -38.65
CA SER E 46 2.89 -21.07 -38.02
C SER E 46 1.82 -21.99 -37.45
N VAL E 47 1.21 -21.55 -36.36
CA VAL E 47 0.09 -22.28 -35.76
C VAL E 47 -1.24 -21.82 -36.31
N GLN E 48 -1.45 -20.50 -36.38
CA GLN E 48 -2.71 -19.98 -36.90
C GLN E 48 -2.83 -20.12 -38.41
N LYS E 49 -1.70 -20.20 -39.12
CA LYS E 49 -1.65 -20.41 -40.56
C LYS E 49 -0.87 -21.67 -40.85
N SER E 50 -0.77 -22.02 -42.13
CA SER E 50 0.04 -23.15 -42.59
C SER E 50 1.18 -22.60 -43.46
N ASP E 51 2.29 -22.23 -42.81
CA ASP E 51 3.48 -21.78 -43.51
C ASP E 51 4.70 -22.26 -42.73
N GLN E 52 5.58 -23.00 -43.41
CA GLN E 52 6.80 -23.52 -42.79
C GLN E 52 8.01 -23.14 -43.64
N GLN E 53 9.10 -22.79 -42.97
CA GLN E 53 10.34 -22.42 -43.65
C GLN E 53 11.49 -23.23 -43.07
N ASN E 54 12.39 -23.63 -43.96
CA ASN E 54 13.58 -24.40 -43.60
C ASN E 54 14.81 -23.53 -43.78
N ILE E 55 15.65 -23.48 -42.76
CA ILE E 55 16.87 -22.67 -42.81
C ILE E 55 18.04 -23.54 -42.37
N LYS E 56 19.21 -23.23 -42.92
CA LYS E 56 20.47 -23.79 -42.48
C LYS E 56 21.43 -22.64 -42.22
N VAL E 57 22.20 -22.75 -41.13
CA VAL E 57 23.19 -21.75 -40.80
C VAL E 57 24.48 -22.46 -40.40
N PRO E 58 25.65 -21.94 -40.76
CA PRO E 58 26.90 -22.67 -40.48
C PRO E 58 27.08 -22.93 -39.00
N GLY E 59 27.58 -24.13 -38.69
CA GLY E 59 27.71 -24.57 -37.31
C GLY E 59 28.51 -23.65 -36.40
N ASN E 60 29.35 -22.78 -36.97
CA ASN E 60 30.21 -21.94 -36.13
C ASN E 60 29.41 -20.98 -35.27
N LEU E 61 28.14 -20.73 -35.59
CA LEU E 61 27.36 -19.70 -34.93
C LEU E 61 26.49 -20.28 -33.81
N THR E 62 25.76 -19.39 -33.12
CA THR E 62 24.93 -19.79 -32.00
C THR E 62 23.53 -19.18 -32.04
N SER E 63 23.15 -18.50 -33.14
CA SER E 63 21.85 -17.88 -33.19
C SER E 63 21.45 -17.61 -34.64
N VAL E 64 20.14 -17.59 -34.88
CA VAL E 64 19.56 -17.20 -36.15
C VAL E 64 18.39 -16.27 -35.87
N LEU E 65 17.96 -15.55 -36.89
CA LEU E 65 16.90 -14.57 -36.76
C LEU E 65 15.81 -14.87 -37.79
N LEU E 66 14.82 -15.66 -37.39
CA LEU E 66 13.64 -15.88 -38.23
C LEU E 66 13.07 -14.55 -38.65
N ASN E 67 12.63 -14.47 -39.90
CA ASN E 67 12.17 -13.20 -40.47
C ASN E 67 10.95 -13.44 -41.32
N ASN E 68 10.35 -12.34 -41.78
CA ASN E 68 9.15 -12.38 -42.62
C ASN E 68 8.01 -13.11 -41.92
N LEU E 69 7.81 -12.76 -40.65
CA LEU E 69 6.72 -13.29 -39.86
C LEU E 69 5.58 -12.27 -39.82
N HIS E 70 4.51 -12.63 -39.12
CA HIS E 70 3.37 -11.73 -38.99
C HIS E 70 3.12 -11.44 -37.51
N PRO E 71 2.62 -10.25 -37.19
CA PRO E 71 2.40 -9.90 -35.78
C PRO E 71 1.32 -10.76 -35.13
N ARG E 72 1.43 -10.89 -33.82
CA ARG E 72 0.43 -11.64 -33.03
C ARG E 72 0.20 -13.04 -33.59
N GLU E 73 1.24 -13.66 -34.15
CA GLU E 73 1.13 -15.01 -34.67
C GLU E 73 2.15 -15.90 -33.97
N GLN E 74 1.68 -17.06 -33.52
CA GLN E 74 2.51 -18.01 -32.79
C GLN E 74 3.21 -18.96 -33.75
N TYR E 75 4.46 -19.27 -33.46
CA TYR E 75 5.26 -20.14 -34.32
C TYR E 75 5.87 -21.26 -33.50
N VAL E 76 6.21 -22.34 -34.19
CA VAL E 76 6.84 -23.52 -33.59
C VAL E 76 8.13 -23.78 -34.34
N VAL E 77 9.21 -24.01 -33.59
CA VAL E 77 10.54 -24.15 -34.16
C VAL E 77 11.22 -25.36 -33.56
N ARG E 78 12.06 -26.00 -34.38
CA ARG E 78 12.96 -27.06 -33.93
C ARG E 78 14.23 -26.97 -34.75
N ALA E 79 15.27 -27.67 -34.29
CA ALA E 79 16.59 -27.53 -34.90
C ALA E 79 17.37 -28.83 -34.81
N ARG E 80 18.30 -29.00 -35.76
CA ARG E 80 19.05 -30.23 -35.94
C ARG E 80 20.54 -29.96 -36.15
N VAL E 81 21.38 -30.76 -35.51
CA VAL E 81 22.80 -30.80 -35.84
C VAL E 81 22.99 -31.79 -36.99
N ASN E 82 23.47 -31.31 -38.13
CA ASN E 82 23.46 -32.12 -39.33
C ASN E 82 24.84 -32.17 -39.98
N THR E 83 25.23 -33.38 -40.39
CA THR E 83 26.50 -33.64 -41.07
C THR E 83 26.29 -33.84 -42.57
N LYS E 84 25.68 -34.97 -42.97
CA LYS E 84 25.29 -35.16 -44.36
C LYS E 84 24.00 -35.96 -44.49
N ALA E 85 23.00 -35.69 -43.65
CA ALA E 85 23.04 -34.76 -42.53
C ALA E 85 22.37 -35.42 -41.31
N GLN E 86 21.07 -35.69 -41.43
CA GLN E 86 20.32 -36.58 -40.55
C GLN E 86 20.72 -36.44 -39.08
N GLY E 87 20.67 -35.20 -38.59
CA GLY E 87 20.75 -34.97 -37.16
C GLY E 87 19.43 -35.32 -36.47
N GLU E 88 19.48 -35.36 -35.14
CA GLU E 88 18.31 -35.72 -34.35
C GLU E 88 17.64 -34.46 -33.81
N TRP E 89 16.32 -34.39 -33.91
CA TRP E 89 15.58 -33.14 -33.79
C TRP E 89 15.52 -32.64 -32.35
N SER E 90 15.52 -31.33 -32.22
CA SER E 90 15.28 -30.68 -30.96
C SER E 90 13.83 -30.85 -30.52
N GLU E 91 13.55 -30.46 -29.28
CA GLU E 91 12.17 -30.37 -28.85
C GLU E 91 11.57 -29.06 -29.36
N ASP E 92 10.25 -29.02 -29.44
CA ASP E 92 9.57 -27.87 -30.01
C ASP E 92 9.56 -26.68 -29.06
N LEU E 93 9.86 -25.49 -29.61
CA LEU E 93 9.82 -24.23 -28.89
C LEU E 93 8.67 -23.39 -29.42
N THR E 94 7.97 -22.71 -28.52
CA THR E 94 6.85 -21.85 -28.88
C THR E 94 7.17 -20.41 -28.56
N ALA E 95 6.72 -19.50 -29.42
CA ALA E 95 6.93 -18.08 -29.19
C ALA E 95 5.97 -17.29 -30.07
N TRP E 96 5.63 -16.08 -29.62
CA TRP E 96 4.77 -15.17 -30.35
C TRP E 96 5.58 -13.99 -30.86
N THR E 97 5.32 -13.59 -32.09
CA THR E 97 5.70 -12.26 -32.51
C THR E 97 5.08 -11.23 -31.56
N LEU E 98 5.76 -10.10 -31.41
CA LEU E 98 5.18 -8.99 -30.68
C LEU E 98 3.96 -8.46 -31.42
N SER E 99 3.04 -7.86 -30.66
CA SER E 99 1.74 -7.52 -31.20
C SER E 99 1.82 -6.32 -32.14
N ASP E 100 0.82 -6.23 -33.01
CA ASP E 100 0.63 -5.05 -33.86
C ASP E 100 -0.31 -4.03 -33.21
N ILE E 101 -1.00 -4.40 -32.14
CA ILE E 101 -2.07 -3.58 -31.57
C ILE E 101 -1.89 -3.48 -30.06
N LEU E 102 -2.59 -2.50 -29.48
CA LEU E 102 -2.73 -2.43 -28.03
C LEU E 102 -3.34 -3.72 -27.50
N PRO E 103 -3.02 -4.10 -26.27
CA PRO E 103 -3.57 -5.33 -25.72
C PRO E 103 -4.98 -5.11 -25.21
N PRO E 104 -5.79 -6.15 -25.16
CA PRO E 104 -7.13 -6.01 -24.56
C PRO E 104 -7.04 -5.86 -23.05
N GLN E 105 -8.01 -5.14 -22.51
CA GLN E 105 -8.19 -4.96 -21.08
C GLN E 105 -8.19 -6.32 -20.38
N PRO E 106 -7.71 -6.41 -19.14
CA PRO E 106 -7.93 -7.64 -18.37
C PRO E 106 -9.41 -7.89 -18.16
N GLU E 107 -9.78 -9.16 -18.05
CA GLU E 107 -11.15 -9.60 -17.89
C GLU E 107 -11.27 -10.42 -16.61
N ASN E 108 -12.47 -10.94 -16.36
CA ASN E 108 -12.75 -11.74 -15.17
C ASN E 108 -12.28 -11.03 -13.90
N ILE E 109 -12.39 -9.69 -13.87
CA ILE E 109 -11.98 -8.92 -12.71
C ILE E 109 -12.88 -9.25 -11.54
N LYS E 110 -12.29 -9.69 -10.44
CA LYS E 110 -13.05 -10.02 -9.23
C LYS E 110 -12.46 -9.31 -8.02
N ILE E 111 -13.29 -8.59 -7.30
CA ILE E 111 -12.91 -7.93 -6.06
C ILE E 111 -13.66 -8.63 -4.94
N SER E 112 -12.91 -9.10 -3.93
CA SER E 112 -13.46 -9.90 -2.85
C SER E 112 -12.65 -9.68 -1.58
N ASN E 113 -13.16 -10.21 -0.46
CA ASN E 113 -12.44 -10.27 0.80
C ASN E 113 -11.98 -8.89 1.27
N ILE E 114 -12.90 -7.93 1.24
CA ILE E 114 -12.54 -6.58 1.65
C ILE E 114 -12.54 -6.52 3.16
N THR E 115 -11.50 -5.93 3.74
CA THR E 115 -11.41 -5.79 5.18
C THR E 115 -11.31 -4.30 5.52
N HIS E 116 -10.76 -3.95 6.68
CA HIS E 116 -10.56 -2.53 6.92
C HIS E 116 -9.30 -1.98 6.24
N SER E 117 -8.45 -2.84 5.67
CA SER E 117 -7.22 -2.33 5.07
C SER E 117 -6.79 -3.06 3.80
N SER E 118 -7.52 -4.07 3.34
CA SER E 118 -7.02 -4.93 2.27
C SER E 118 -8.18 -5.46 1.45
N ALA E 119 -7.84 -6.06 0.30
CA ALA E 119 -8.82 -6.61 -0.62
C ALA E 119 -8.09 -7.42 -1.66
N VAL E 120 -8.68 -8.55 -2.06
CA VAL E 120 -8.10 -9.47 -3.02
C VAL E 120 -8.71 -9.19 -4.38
N ILE E 121 -7.87 -8.93 -5.36
CA ILE E 121 -8.32 -8.70 -6.73
C ILE E 121 -7.68 -9.77 -7.62
N SER E 122 -8.50 -10.34 -8.51
CA SER E 122 -8.04 -11.33 -9.49
C SER E 122 -8.57 -10.94 -10.87
N TRP E 123 -7.93 -11.51 -11.90
CA TRP E 123 -8.22 -11.12 -13.28
C TRP E 123 -7.74 -12.23 -14.21
N THR E 124 -7.92 -12.00 -15.52
CA THR E 124 -7.27 -12.80 -16.53
C THR E 124 -6.89 -11.90 -17.70
N ILE E 125 -6.00 -12.40 -18.54
CA ILE E 125 -5.53 -11.72 -19.73
C ILE E 125 -5.43 -12.75 -20.85
N LEU E 126 -5.51 -12.28 -22.09
CA LEU E 126 -5.45 -13.15 -23.24
C LEU E 126 -4.00 -13.37 -23.65
N ASP E 127 -3.72 -14.59 -24.13
CA ASP E 127 -2.39 -14.92 -24.61
C ASP E 127 -2.17 -14.36 -26.02
N GLY E 128 -0.91 -14.35 -26.46
CA GLY E 128 -0.58 -13.97 -27.81
C GLY E 128 -0.69 -12.50 -28.12
N TYR E 129 -0.71 -11.64 -27.09
CA TYR E 129 -0.69 -10.20 -27.28
C TYR E 129 0.60 -9.59 -26.76
N SER E 130 1.59 -10.42 -26.43
CA SER E 130 2.86 -9.94 -25.91
C SER E 130 2.67 -9.04 -24.70
N ILE E 131 1.59 -9.30 -23.94
CA ILE E 131 1.40 -8.58 -22.69
C ILE E 131 2.58 -8.86 -21.79
N SER E 132 3.23 -7.79 -21.30
CA SER E 132 4.42 -7.91 -20.48
C SER E 132 4.17 -7.66 -19.00
N SER E 133 3.12 -6.93 -18.64
CA SER E 133 2.85 -6.63 -17.23
C SER E 133 1.38 -6.30 -17.05
N ILE E 134 0.92 -6.50 -15.80
CA ILE E 134 -0.39 -6.05 -15.33
C ILE E 134 -0.18 -4.97 -14.27
N THR E 135 -1.03 -3.95 -14.26
CA THR E 135 -0.93 -2.86 -13.28
C THR E 135 -2.27 -2.65 -12.60
N ILE E 136 -2.34 -2.92 -11.31
CA ILE E 136 -3.45 -2.51 -10.46
C ILE E 136 -3.16 -1.10 -9.95
N ARG E 137 -3.96 -0.13 -10.38
CA ARG E 137 -3.89 1.26 -9.92
C ARG E 137 -5.11 1.59 -9.07
N TYR E 138 -4.91 2.31 -7.97
CA TYR E 138 -6.05 2.74 -7.17
C TYR E 138 -5.85 4.14 -6.60
N LYS E 139 -6.97 4.79 -6.30
CA LYS E 139 -7.03 6.14 -5.77
C LYS E 139 -8.30 6.28 -4.94
N VAL E 140 -8.26 7.24 -4.00
CA VAL E 140 -9.45 7.56 -3.23
C VAL E 140 -10.50 8.19 -4.13
N GLN E 141 -11.74 7.77 -3.91
CA GLN E 141 -12.85 8.18 -4.78
C GLN E 141 -12.85 9.69 -5.02
N GLY E 142 -12.98 10.06 -6.29
CA GLY E 142 -13.31 11.42 -6.70
C GLY E 142 -12.31 12.52 -6.48
N LYS E 143 -12.69 13.48 -5.63
CA LYS E 143 -12.00 14.75 -5.47
C LYS E 143 -10.52 14.59 -5.10
N ASN E 144 -10.10 13.40 -4.68
CA ASN E 144 -8.69 13.13 -4.38
C ASN E 144 -7.94 12.64 -5.60
N GLU E 145 -8.18 13.24 -6.77
CA GLU E 145 -7.45 12.88 -7.99
C GLU E 145 -6.11 13.60 -8.06
N ASP E 146 -5.30 13.42 -7.02
CA ASP E 146 -3.97 14.03 -6.93
C ASP E 146 -2.87 13.02 -6.65
N GLN E 147 -3.22 11.77 -6.36
CA GLN E 147 -2.23 10.76 -5.98
C GLN E 147 -2.88 9.40 -6.09
N HIS E 148 -2.08 8.41 -6.46
CA HIS E 148 -2.56 7.06 -6.68
C HIS E 148 -1.43 6.08 -6.44
N VAL E 149 -1.82 4.82 -6.26
CA VAL E 149 -0.89 3.71 -6.07
C VAL E 149 -0.99 2.81 -7.30
N ASP E 150 0.15 2.31 -7.74
CA ASP E 150 0.25 1.36 -8.85
C ASP E 150 1.00 0.14 -8.35
N VAL E 151 0.38 -1.03 -8.51
CA VAL E 151 1.08 -2.29 -8.33
C VAL E 151 1.34 -2.86 -9.72
N LYS E 152 2.62 -2.89 -10.11
CA LYS E 152 3.03 -3.35 -11.43
C LYS E 152 3.53 -4.78 -11.27
N ILE E 153 2.79 -5.72 -11.82
CA ILE E 153 3.13 -7.14 -11.78
C ILE E 153 3.68 -7.48 -13.15
N LYS E 154 4.97 -7.83 -13.20
CA LYS E 154 5.68 -8.14 -14.44
C LYS E 154 5.68 -9.62 -14.78
N ASN E 155 5.00 -10.44 -13.99
CA ASN E 155 4.99 -11.90 -14.16
C ASN E 155 3.57 -12.33 -14.54
N ALA E 156 3.33 -12.51 -15.84
CA ALA E 156 2.00 -12.85 -16.32
C ALA E 156 1.46 -14.14 -15.70
N THR E 157 2.32 -15.00 -15.17
CA THR E 157 1.84 -16.18 -14.45
C THR E 157 0.97 -15.81 -13.25
N ILE E 158 0.90 -14.54 -12.87
CA ILE E 158 0.18 -14.11 -11.67
C ILE E 158 -1.18 -13.58 -12.10
N THR E 159 -2.21 -14.00 -11.37
CA THR E 159 -3.58 -13.66 -11.72
C THR E 159 -4.34 -13.05 -10.56
N GLN E 160 -3.74 -12.93 -9.37
CA GLN E 160 -4.44 -12.29 -8.27
C GLN E 160 -3.43 -11.71 -7.29
N TYR E 161 -3.85 -10.63 -6.62
CA TYR E 161 -2.99 -9.92 -5.69
C TYR E 161 -3.85 -9.41 -4.56
N GLN E 162 -3.30 -9.43 -3.33
CA GLN E 162 -3.97 -8.86 -2.16
C GLN E 162 -3.45 -7.45 -1.93
N LEU E 163 -4.32 -6.47 -2.14
CA LEU E 163 -3.97 -5.08 -1.83
C LEU E 163 -3.96 -4.88 -0.33
N LYS E 164 -2.91 -4.23 0.18
CA LYS E 164 -2.71 -4.07 1.60
C LYS E 164 -2.45 -2.60 1.92
N GLY E 165 -2.61 -2.26 3.20
CA GLY E 165 -2.36 -0.89 3.58
C GLY E 165 -3.36 0.13 3.03
N LEU E 166 -4.64 -0.24 3.00
CA LEU E 166 -5.69 0.70 2.60
C LEU E 166 -6.30 1.36 3.83
N GLU E 167 -6.69 2.63 3.68
CA GLU E 167 -7.34 3.35 4.77
C GLU E 167 -8.72 2.77 5.04
N PRO E 168 -9.11 2.62 6.30
CA PRO E 168 -10.43 2.04 6.60
C PRO E 168 -11.55 3.00 6.24
N GLU E 169 -12.77 2.43 6.21
CA GLU E 169 -13.99 3.13 5.81
C GLU E 169 -13.69 4.21 4.78
N THR E 170 -13.15 3.78 3.65
CA THR E 170 -12.73 4.67 2.59
C THR E 170 -13.12 4.04 1.26
N ALA E 171 -13.45 4.89 0.29
CA ALA E 171 -13.92 4.45 -1.01
C ALA E 171 -12.84 4.72 -2.06
N TYR E 172 -12.50 3.69 -2.83
CA TYR E 172 -11.45 3.76 -3.83
C TYR E 172 -12.02 3.43 -5.20
N GLN E 173 -11.46 4.08 -6.23
CA GLN E 173 -11.57 3.62 -7.60
C GLN E 173 -10.35 2.74 -7.92
N VAL E 174 -10.61 1.57 -8.50
CA VAL E 174 -9.57 0.60 -8.88
C VAL E 174 -9.60 0.40 -10.39
N ASP E 175 -8.43 0.44 -11.02
CA ASP E 175 -8.30 0.18 -12.44
C ASP E 175 -7.25 -0.90 -12.64
N ILE E 176 -7.40 -1.68 -13.72
CA ILE E 176 -6.46 -2.73 -14.09
C ILE E 176 -6.14 -2.61 -15.57
N PHE E 177 -4.86 -2.39 -15.88
CA PHE E 177 -4.35 -2.24 -17.23
C PHE E 177 -3.46 -3.43 -17.58
N ALA E 178 -3.29 -3.64 -18.88
CA ALA E 178 -2.29 -4.56 -19.39
C ALA E 178 -1.38 -3.80 -20.34
N GLU E 179 -0.09 -4.10 -20.30
CA GLU E 179 0.89 -3.38 -21.08
C GLU E 179 1.62 -4.34 -22.00
N ASN E 180 1.76 -3.96 -23.27
CA ASN E 180 2.55 -4.71 -24.24
C ASN E 180 3.45 -3.73 -25.00
N ASN E 181 4.20 -4.27 -25.96
CA ASN E 181 5.13 -3.44 -26.72
C ASN E 181 4.45 -2.21 -27.31
N ILE E 182 3.18 -2.31 -27.71
CA ILE E 182 2.54 -1.19 -28.38
C ILE E 182 2.09 -0.12 -27.39
N GLY E 183 1.54 -0.53 -26.26
CA GLY E 183 1.00 0.42 -25.30
C GLY E 183 0.29 -0.29 -24.18
N SER E 184 -0.71 0.38 -23.62
CA SER E 184 -1.45 -0.15 -22.49
C SER E 184 -2.89 -0.46 -22.88
N SER E 185 -3.56 -1.19 -21.98
CA SER E 185 -5.00 -1.32 -22.05
C SER E 185 -5.63 0.03 -22.38
N ASN E 186 -6.58 0.03 -23.30
CA ASN E 186 -7.41 1.21 -23.44
C ASN E 186 -8.15 1.42 -22.13
N PRO E 187 -8.10 2.62 -21.55
CA PRO E 187 -8.76 2.83 -20.26
C PRO E 187 -10.24 2.55 -20.35
N ALA E 188 -10.83 2.25 -19.20
CA ALA E 188 -12.25 1.90 -19.13
C ALA E 188 -12.81 2.55 -17.88
N PHE E 189 -13.95 2.03 -17.40
CA PHE E 189 -14.51 2.50 -16.14
C PHE E 189 -13.79 1.83 -14.97
N SER E 190 -13.52 2.62 -13.94
CA SER E 190 -12.92 2.10 -12.71
C SER E 190 -13.91 1.20 -11.97
N HIS E 191 -13.37 0.21 -11.25
CA HIS E 191 -14.18 -0.55 -10.30
C HIS E 191 -14.31 0.20 -8.97
N GLU E 192 -15.33 -0.17 -8.21
CA GLU E 192 -15.63 0.42 -6.92
C GLU E 192 -15.19 -0.51 -5.80
N LEU E 193 -14.67 0.08 -4.72
CA LEU E 193 -14.14 -0.67 -3.59
C LEU E 193 -14.25 0.19 -2.35
N VAL E 194 -14.92 -0.31 -1.32
CA VAL E 194 -15.17 0.44 -0.10
C VAL E 194 -14.67 -0.40 1.07
N THR E 195 -13.66 0.09 1.78
CA THR E 195 -13.10 -0.69 2.89
C THR E 195 -14.01 -0.59 4.11
N LEU E 196 -13.95 -1.62 4.95
CA LEU E 196 -14.74 -1.64 6.17
C LEU E 196 -14.18 -0.67 7.21
N PRO E 197 -14.98 -0.32 8.21
CA PRO E 197 -14.45 0.39 9.37
C PRO E 197 -13.59 -0.55 10.20
N GLU E 198 -12.65 0.02 10.95
CA GLU E 198 -11.83 -0.75 11.88
C GLU E 198 -12.69 -1.42 12.93
N SER E 199 -12.43 -2.70 13.18
CA SER E 199 -13.17 -3.45 14.19
C SER E 199 -12.56 -3.31 15.57
N MET F 4 -7.44 56.77 -13.75
CA MET F 4 -7.74 58.02 -13.07
C MET F 4 -9.09 58.59 -13.50
N ILE F 5 -10.18 57.96 -13.08
CA ILE F 5 -10.16 56.71 -12.33
C ILE F 5 -10.13 55.50 -13.27
N GLY F 6 -9.34 54.49 -12.92
CA GLY F 6 -9.23 53.31 -13.75
C GLY F 6 -10.20 52.20 -13.36
N LEU F 7 -10.33 51.24 -14.26
CA LEU F 7 -11.11 50.05 -13.94
C LEU F 7 -10.25 49.03 -13.20
N PRO F 8 -10.87 48.14 -12.44
CA PRO F 8 -10.10 47.16 -11.67
C PRO F 8 -9.41 46.17 -12.59
N PRO F 9 -8.44 45.42 -12.07
CA PRO F 9 -7.73 44.45 -12.90
C PRO F 9 -8.64 43.29 -13.25
N PRO F 10 -8.33 42.56 -14.33
CA PRO F 10 -9.17 41.44 -14.75
C PRO F 10 -9.52 40.46 -13.63
N ARG F 11 -10.63 39.74 -13.83
CA ARG F 11 -11.29 39.03 -12.73
C ARG F 11 -10.49 37.84 -12.24
N GLY F 12 -10.25 36.86 -13.11
CA GLY F 12 -9.60 35.64 -12.72
C GLY F 12 -8.31 35.39 -13.47
N LEU F 13 -7.19 35.75 -12.86
CA LEU F 13 -5.91 35.72 -13.54
C LEU F 13 -5.23 34.39 -13.33
N ASN F 14 -4.59 33.89 -14.38
CA ASN F 14 -4.00 32.56 -14.38
C ASN F 14 -2.85 32.53 -15.38
N LEU F 15 -1.67 32.15 -14.92
CA LEU F 15 -0.49 32.05 -15.79
C LEU F 15 -0.02 30.59 -15.80
N LEU F 16 -0.06 29.98 -16.98
CA LEU F 16 0.30 28.57 -17.12
C LEU F 16 1.42 28.40 -18.14
N PRO F 17 2.41 27.57 -17.83
CA PRO F 17 3.37 27.18 -18.86
C PRO F 17 2.66 26.41 -19.96
N LYS F 18 3.32 26.30 -21.10
CA LYS F 18 2.81 25.50 -22.19
C LYS F 18 3.93 25.13 -23.16
N SER F 19 5.17 25.43 -22.78
CA SER F 19 6.32 25.09 -23.61
C SER F 19 7.58 25.71 -23.04
N GLN F 20 8.74 25.23 -23.48
CA GLN F 20 10.01 25.80 -23.03
C GLN F 20 10.16 27.26 -23.43
N THR F 21 9.22 27.79 -24.21
CA THR F 21 9.33 29.15 -24.72
C THR F 21 8.02 29.92 -24.65
N THR F 22 6.94 29.31 -24.17
CA THR F 22 5.61 29.91 -24.20
C THR F 22 4.97 29.91 -22.82
N LEU F 23 4.45 31.06 -22.42
CA LEU F 23 3.57 31.20 -21.27
C LEU F 23 2.21 31.65 -21.75
N ASN F 24 1.15 31.22 -21.06
CA ASN F 24 -0.21 31.56 -21.43
C ASN F 24 -0.95 32.16 -20.25
N LEU F 25 -1.40 33.40 -20.41
CA LEU F 25 -2.19 34.11 -19.42
C LEU F 25 -3.64 34.15 -19.88
N THR F 26 -4.56 33.95 -18.93
CA THR F 26 -5.99 33.95 -19.22
C THR F 26 -6.72 34.59 -18.06
N TRP F 27 -7.89 35.15 -18.37
CA TRP F 27 -8.69 35.86 -17.37
C TRP F 27 -10.17 35.72 -17.72
N GLN F 28 -11.02 36.05 -16.76
CA GLN F 28 -12.47 35.94 -16.91
C GLN F 28 -12.99 36.91 -17.96
N PRO F 29 -14.32 36.94 -18.20
CA PRO F 29 -14.85 37.88 -19.20
C PRO F 29 -14.88 39.30 -18.66
N ILE F 30 -14.54 40.25 -19.54
CA ILE F 30 -14.39 41.65 -19.14
C ILE F 30 -15.69 42.39 -19.43
N PHE F 31 -16.18 43.12 -18.42
CA PHE F 31 -17.45 43.84 -18.43
C PHE F 31 -17.24 45.35 -18.43
N PRO F 32 -16.88 45.96 -19.56
CA PRO F 32 -16.67 47.40 -19.57
C PRO F 32 -17.99 48.17 -19.41
N SER F 33 -17.86 49.45 -19.09
CA SER F 33 -19.01 50.34 -19.07
C SER F 33 -19.06 51.11 -20.38
N SER F 34 -18.05 51.94 -20.64
CA SER F 34 -17.91 52.57 -21.94
C SER F 34 -17.81 51.49 -23.02
N GLU F 35 -16.73 50.72 -22.96
CA GLU F 35 -16.44 49.63 -23.89
C GLU F 35 -16.00 50.14 -25.26
N ASP F 36 -15.84 51.45 -25.44
CA ASP F 36 -15.45 52.00 -26.72
C ASP F 36 -13.93 51.92 -26.85
N ASP F 37 -13.46 50.99 -27.69
CA ASP F 37 -12.03 50.77 -27.93
C ASP F 37 -11.21 50.85 -26.64
N PHE F 38 -11.31 49.81 -25.82
CA PHE F 38 -10.43 49.59 -24.69
C PHE F 38 -9.68 48.28 -24.92
N TYR F 39 -8.55 48.12 -24.22
CA TYR F 39 -7.73 46.92 -24.38
C TYR F 39 -7.22 46.48 -23.02
N VAL F 40 -6.41 45.42 -23.02
CA VAL F 40 -5.78 44.89 -21.82
C VAL F 40 -4.28 44.95 -22.02
N GLU F 41 -3.60 45.66 -21.12
CA GLU F 41 -2.16 45.78 -21.16
C GLU F 41 -1.55 44.66 -20.32
N VAL F 42 -0.57 43.96 -20.90
CA VAL F 42 0.03 42.80 -20.27
C VAL F 42 1.54 43.01 -20.23
N GLU F 43 2.10 42.96 -19.04
CA GLU F 43 3.53 43.10 -18.84
C GLU F 43 4.09 41.77 -18.36
N ARG F 44 5.27 41.42 -18.87
CA ARG F 44 5.96 40.22 -18.45
C ARG F 44 7.45 40.57 -18.37
N ARG F 45 8.05 40.29 -17.23
CA ARG F 45 9.46 40.58 -17.04
C ARG F 45 10.16 39.32 -16.55
N SER F 46 11.43 39.21 -16.91
CA SER F 46 12.21 38.05 -16.53
C SER F 46 12.78 38.24 -15.13
N VAL F 47 12.82 37.14 -14.37
CA VAL F 47 13.49 37.12 -13.08
C VAL F 47 14.98 36.93 -13.26
N GLN F 48 15.37 35.91 -14.03
CA GLN F 48 16.78 35.56 -14.20
C GLN F 48 17.52 36.64 -14.97
N LYS F 49 16.95 37.07 -16.09
CA LYS F 49 17.55 38.07 -16.97
C LYS F 49 16.95 39.44 -16.66
N SER F 50 17.32 40.45 -17.45
CA SER F 50 16.65 41.75 -17.47
C SER F 50 15.96 41.87 -18.83
N ASP F 51 14.76 41.33 -18.92
CA ASP F 51 13.98 41.43 -20.16
C ASP F 51 12.53 41.61 -19.77
N GLN F 52 12.00 42.79 -20.02
CA GLN F 52 10.59 43.08 -19.86
C GLN F 52 10.03 43.39 -21.23
N GLN F 53 8.75 43.05 -21.44
CA GLN F 53 8.07 43.33 -22.68
C GLN F 53 6.63 43.66 -22.39
N ASN F 54 6.08 44.60 -23.15
CA ASN F 54 4.72 45.08 -22.95
C ASN F 54 3.90 44.74 -24.19
N ILE F 55 2.74 44.11 -23.98
CA ILE F 55 1.85 43.70 -25.05
C ILE F 55 0.46 44.25 -24.76
N LYS F 56 -0.25 44.61 -25.83
CA LYS F 56 -1.60 45.16 -25.75
C LYS F 56 -2.56 44.23 -26.48
N VAL F 57 -3.50 43.63 -25.75
CA VAL F 57 -4.41 42.62 -26.28
C VAL F 57 -5.80 43.22 -26.36
N PRO F 58 -6.51 43.06 -27.49
CA PRO F 58 -7.86 43.63 -27.61
C PRO F 58 -8.83 43.04 -26.59
N GLY F 59 -9.65 43.91 -26.00
CA GLY F 59 -10.45 43.59 -24.83
C GLY F 59 -11.46 42.48 -25.03
N ASN F 60 -11.63 41.99 -26.26
CA ASN F 60 -12.55 40.89 -26.50
C ASN F 60 -11.90 39.53 -26.31
N LEU F 61 -10.58 39.48 -26.14
CA LEU F 61 -9.84 38.22 -26.05
C LEU F 61 -9.65 37.84 -24.58
N THR F 62 -9.92 36.58 -24.25
CA THR F 62 -9.83 36.08 -22.89
C THR F 62 -8.43 35.56 -22.54
N SER F 63 -7.44 35.75 -23.40
CA SER F 63 -6.12 35.21 -23.13
C SER F 63 -5.16 35.74 -24.17
N VAL F 64 -3.87 35.53 -23.89
CA VAL F 64 -2.79 35.87 -24.81
C VAL F 64 -1.61 34.97 -24.47
N LEU F 65 -0.75 34.73 -25.46
CA LEU F 65 0.32 33.77 -25.34
C LEU F 65 1.65 34.51 -25.36
N LEU F 66 2.32 34.55 -24.21
CA LEU F 66 3.63 35.18 -24.14
C LEU F 66 4.67 34.22 -24.73
N ASN F 67 5.40 34.67 -25.74
CA ASN F 67 6.26 33.78 -26.51
C ASN F 67 7.67 34.38 -26.63
N ASN F 68 8.56 33.57 -27.21
CA ASN F 68 9.96 33.92 -27.37
C ASN F 68 10.69 34.04 -26.03
N LEU F 69 10.22 33.26 -25.06
CA LEU F 69 10.88 33.17 -23.75
C LEU F 69 12.05 32.20 -23.82
N HIS F 70 12.54 31.75 -22.66
CA HIS F 70 13.67 30.83 -22.61
C HIS F 70 13.42 29.74 -21.59
N PRO F 71 13.78 28.50 -21.91
CA PRO F 71 13.33 27.36 -21.10
C PRO F 71 13.90 27.40 -19.69
N ARG F 72 13.14 26.82 -18.75
CA ARG F 72 13.55 26.72 -17.35
C ARG F 72 13.88 28.10 -16.78
N GLU F 73 13.04 29.08 -17.09
CA GLU F 73 13.20 30.45 -16.64
C GLU F 73 11.90 30.92 -16.01
N GLN F 74 12.02 31.86 -15.08
CA GLN F 74 10.90 32.36 -14.30
C GLN F 74 10.51 33.75 -14.80
N TYR F 75 9.22 34.00 -14.94
CA TYR F 75 8.71 35.27 -15.41
C TYR F 75 7.60 35.76 -14.49
N VAL F 76 7.57 37.07 -14.27
CA VAL F 76 6.58 37.74 -13.43
C VAL F 76 5.68 38.57 -14.33
N VAL F 77 4.37 38.40 -14.18
CA VAL F 77 3.40 38.93 -15.12
C VAL F 77 2.38 39.77 -14.36
N ARG F 78 2.04 40.94 -14.91
CA ARG F 78 0.96 41.76 -14.38
C ARG F 78 0.19 42.33 -15.56
N ALA F 79 -1.04 42.75 -15.29
CA ALA F 79 -1.90 43.20 -16.37
C ALA F 79 -2.98 44.11 -15.81
N ARG F 80 -3.47 45.00 -16.67
CA ARG F 80 -4.52 45.95 -16.33
C ARG F 80 -5.35 46.20 -17.58
N VAL F 81 -6.48 46.89 -17.40
CA VAL F 81 -7.39 47.19 -18.49
C VAL F 81 -7.48 48.71 -18.65
N ASN F 82 -7.11 49.20 -19.84
CA ASN F 82 -6.99 50.63 -20.12
C ASN F 82 -8.14 51.09 -21.03
N THR F 83 -8.82 52.16 -20.61
CA THR F 83 -9.80 52.86 -21.44
C THR F 83 -9.15 54.13 -21.98
N LYS F 84 -9.65 55.27 -21.54
CA LYS F 84 -8.84 56.49 -21.53
C LYS F 84 -8.03 56.57 -20.24
N ALA F 85 -8.64 56.15 -19.14
CA ALA F 85 -7.95 56.06 -17.86
C ALA F 85 -7.21 54.73 -17.78
N GLN F 86 -5.89 54.80 -17.56
CA GLN F 86 -5.11 53.59 -17.34
C GLN F 86 -5.60 52.90 -16.07
N GLY F 87 -5.76 51.58 -16.15
CA GLY F 87 -6.40 50.85 -15.09
C GLY F 87 -5.47 50.47 -13.96
N GLU F 88 -6.08 50.09 -12.85
CA GLU F 88 -5.32 49.61 -11.71
C GLU F 88 -4.65 48.28 -12.04
N TRP F 89 -3.34 48.20 -11.78
CA TRP F 89 -2.59 47.00 -12.09
C TRP F 89 -3.09 45.81 -11.26
N SER F 90 -3.06 44.64 -11.86
CA SER F 90 -3.30 43.42 -11.11
C SER F 90 -2.11 43.16 -10.19
N GLU F 91 -2.30 42.23 -9.25
CA GLU F 91 -1.16 41.73 -8.50
C GLU F 91 -0.29 40.89 -9.42
N ASP F 92 0.92 40.57 -8.97
CA ASP F 92 1.87 39.84 -9.80
C ASP F 92 1.52 38.35 -9.86
N LEU F 93 1.64 37.79 -11.05
CA LEU F 93 1.55 36.35 -11.29
C LEU F 93 2.91 35.85 -11.74
N THR F 94 3.33 34.71 -11.21
CA THR F 94 4.65 34.16 -11.50
C THR F 94 4.54 32.74 -12.04
N ALA F 95 5.37 32.43 -13.03
CA ALA F 95 5.40 31.10 -13.61
C ALA F 95 6.76 30.86 -14.23
N TRP F 96 7.08 29.58 -14.44
CA TRP F 96 8.27 29.14 -15.14
C TRP F 96 7.90 28.59 -16.51
N THR F 97 8.78 28.79 -17.48
CA THR F 97 8.67 28.01 -18.71
C THR F 97 8.90 26.53 -18.40
N LEU F 98 8.61 25.69 -19.39
CA LEU F 98 8.85 24.27 -19.23
C LEU F 98 10.34 23.98 -19.31
N SER F 99 10.78 22.99 -18.53
CA SER F 99 12.20 22.70 -18.41
C SER F 99 12.77 22.19 -19.73
N ASP F 100 14.08 22.40 -19.91
CA ASP F 100 14.77 21.94 -21.09
C ASP F 100 15.54 20.64 -20.86
N ILE F 101 15.75 20.24 -19.60
CA ILE F 101 16.46 19.01 -19.28
C ILE F 101 15.69 18.25 -18.21
N LEU F 102 16.30 17.20 -17.66
CA LEU F 102 15.66 16.33 -16.69
C LEU F 102 15.67 16.97 -15.31
N PRO F 103 14.76 16.55 -14.44
CA PRO F 103 14.69 17.14 -13.10
C PRO F 103 15.67 16.47 -12.16
N PRO F 104 16.17 17.19 -11.16
CA PRO F 104 17.06 16.57 -10.17
C PRO F 104 16.28 15.71 -9.20
N GLN F 105 16.98 14.71 -8.65
CA GLN F 105 16.35 13.79 -7.72
C GLN F 105 15.85 14.53 -6.49
N PRO F 106 14.73 14.10 -5.92
CA PRO F 106 14.30 14.63 -4.63
C PRO F 106 15.43 14.51 -3.60
N GLU F 107 15.62 15.57 -2.81
CA GLU F 107 16.67 15.65 -1.80
C GLU F 107 16.04 15.53 -0.42
N ASN F 108 16.87 15.65 0.62
CA ASN F 108 16.37 15.57 1.99
C ASN F 108 15.55 14.31 2.23
N ILE F 109 15.88 13.22 1.53
CA ILE F 109 15.11 11.98 1.69
C ILE F 109 15.29 11.48 3.12
N LYS F 110 14.18 11.21 3.78
CA LYS F 110 14.21 10.79 5.18
C LYS F 110 13.28 9.61 5.39
N ILE F 111 13.83 8.47 5.80
CA ILE F 111 13.02 7.32 6.17
C ILE F 111 12.92 7.29 7.69
N SER F 112 11.70 7.26 8.21
CA SER F 112 11.50 7.30 9.65
C SER F 112 10.30 6.45 10.04
N ASN F 113 10.22 6.16 11.34
CA ASN F 113 9.09 5.49 11.98
C ASN F 113 8.70 4.19 11.26
N ILE F 114 9.68 3.29 11.16
CA ILE F 114 9.44 1.99 10.56
C ILE F 114 8.75 1.09 11.58
N THR F 115 7.66 0.44 11.16
CA THR F 115 6.96 -0.50 12.01
C THR F 115 7.02 -1.86 11.35
N HIS F 116 6.13 -2.77 11.75
CA HIS F 116 6.02 -4.05 11.05
C HIS F 116 5.33 -3.94 9.70
N SER F 117 4.69 -2.81 9.39
CA SER F 117 3.97 -2.73 8.12
C SER F 117 3.97 -1.35 7.47
N SER F 118 4.63 -0.35 8.04
CA SER F 118 4.57 1.00 7.47
C SER F 118 5.89 1.74 7.70
N ALA F 119 6.02 2.89 7.05
CA ALA F 119 7.16 3.78 7.24
C ALA F 119 6.84 5.12 6.60
N VAL F 120 7.42 6.17 7.17
CA VAL F 120 7.18 7.56 6.75
C VAL F 120 8.37 8.04 5.94
N ILE F 121 8.09 8.52 4.73
CA ILE F 121 9.10 9.05 3.83
C ILE F 121 8.83 10.52 3.61
N SER F 122 9.86 11.35 3.76
CA SER F 122 9.78 12.76 3.43
C SER F 122 10.93 13.11 2.49
N TRP F 123 10.77 14.23 1.78
CA TRP F 123 11.70 14.60 0.73
C TRP F 123 11.47 16.07 0.39
N THR F 124 12.29 16.60 -0.51
CA THR F 124 12.07 17.92 -1.09
C THR F 124 12.44 17.87 -2.56
N ILE F 125 11.77 18.73 -3.34
CA ILE F 125 12.12 18.92 -4.73
C ILE F 125 12.52 20.38 -4.92
N LEU F 126 13.18 20.65 -6.05
CA LEU F 126 13.57 22.00 -6.39
C LEU F 126 12.51 22.65 -7.26
N ASP F 127 12.22 23.92 -7.01
CA ASP F 127 11.33 24.60 -7.93
C ASP F 127 12.10 25.00 -9.19
N GLY F 128 11.35 25.32 -10.24
CA GLY F 128 11.92 25.77 -11.49
C GLY F 128 12.23 24.69 -12.50
N TYR F 129 11.96 23.42 -12.19
CA TYR F 129 12.19 22.33 -13.13
C TYR F 129 10.88 21.75 -13.64
N SER F 130 9.77 22.45 -13.45
CA SER F 130 8.45 22.02 -13.92
C SER F 130 8.09 20.62 -13.41
N ILE F 131 8.62 20.25 -12.25
CA ILE F 131 8.31 18.94 -11.70
C ILE F 131 6.80 18.82 -11.52
N SER F 132 6.21 17.81 -12.13
CA SER F 132 4.77 17.62 -12.03
C SER F 132 4.39 16.50 -11.06
N SER F 133 5.32 15.65 -10.66
CA SER F 133 5.03 14.66 -9.64
C SER F 133 6.33 14.09 -9.10
N ILE F 134 6.20 13.34 -8.00
CA ILE F 134 7.26 12.47 -7.51
C ILE F 134 6.66 11.09 -7.27
N THR F 135 7.50 10.08 -7.42
CA THR F 135 7.10 8.68 -7.29
C THR F 135 7.95 8.01 -6.25
N ILE F 136 7.30 7.43 -5.24
CA ILE F 136 7.94 6.50 -4.31
C ILE F 136 7.76 5.10 -4.85
N ARG F 137 8.86 4.48 -5.32
CA ARG F 137 8.82 3.11 -5.81
C ARG F 137 9.51 2.19 -4.81
N TYR F 138 8.84 1.10 -4.45
CA TYR F 138 9.42 0.16 -3.51
C TYR F 138 9.17 -1.28 -3.91
N LYS F 139 10.16 -2.13 -3.62
CA LYS F 139 10.14 -3.54 -4.01
C LYS F 139 10.91 -4.32 -2.96
N VAL F 140 10.57 -5.60 -2.84
CA VAL F 140 11.30 -6.46 -1.90
C VAL F 140 12.74 -6.58 -2.32
N GLN F 141 13.65 -6.49 -1.35
CA GLN F 141 15.09 -6.65 -1.60
C GLN F 141 15.36 -8.10 -1.92
N GLY F 142 15.59 -8.39 -3.20
CA GLY F 142 15.67 -9.78 -3.63
C GLY F 142 16.32 -9.95 -4.98
N LYS F 143 15.77 -10.84 -5.81
CA LYS F 143 16.33 -11.14 -7.11
C LYS F 143 15.76 -10.16 -8.15
N ASN F 144 15.74 -10.58 -9.41
CA ASN F 144 15.19 -9.74 -10.49
C ASN F 144 13.76 -9.32 -10.15
N GLU F 145 13.45 -8.06 -10.42
CA GLU F 145 12.17 -7.48 -10.03
C GLU F 145 11.00 -8.30 -10.55
N ASP F 146 10.29 -8.98 -9.64
CA ASP F 146 9.02 -9.64 -9.97
C ASP F 146 7.90 -8.60 -10.15
N GLN F 147 7.92 -7.57 -9.33
CA GLN F 147 6.83 -6.61 -9.23
C GLN F 147 7.29 -5.47 -8.33
N HIS F 148 6.60 -4.33 -8.42
CA HIS F 148 6.92 -3.20 -7.58
C HIS F 148 5.66 -2.36 -7.38
N VAL F 149 5.71 -1.48 -6.38
CA VAL F 149 4.63 -0.56 -6.07
C VAL F 149 5.14 0.86 -6.27
N ASP F 150 4.33 1.68 -6.92
CA ASP F 150 4.62 3.08 -7.14
C ASP F 150 3.56 3.93 -6.45
N VAL F 151 3.99 4.93 -5.68
CA VAL F 151 3.12 5.97 -5.18
C VAL F 151 3.47 7.24 -5.93
N LYS F 152 2.54 7.74 -6.73
CA LYS F 152 2.73 8.93 -7.57
C LYS F 152 1.96 10.08 -6.94
N ILE F 153 2.69 11.10 -6.50
CA ILE F 153 2.12 12.21 -5.75
C ILE F 153 2.25 13.47 -6.59
N LYS F 154 1.10 14.00 -7.04
CA LYS F 154 1.06 15.11 -7.98
C LYS F 154 0.83 16.47 -7.32
N ASN F 155 0.46 16.50 -6.04
CA ASN F 155 0.28 17.75 -5.32
C ASN F 155 1.60 18.11 -4.62
N ALA F 156 2.23 19.19 -5.09
CA ALA F 156 3.52 19.62 -4.54
C ALA F 156 3.44 20.11 -3.10
N THR F 157 2.24 20.35 -2.56
CA THR F 157 2.14 20.67 -1.14
C THR F 157 2.35 19.45 -0.25
N ILE F 158 2.62 18.28 -0.82
CA ILE F 158 2.96 17.11 -0.03
C ILE F 158 4.44 16.83 -0.22
N THR F 159 5.15 16.66 0.91
CA THR F 159 6.56 16.31 0.93
C THR F 159 6.80 15.14 1.87
N GLN F 160 5.77 14.32 2.07
CA GLN F 160 5.77 13.29 3.09
C GLN F 160 4.60 12.34 2.85
N TYR F 161 4.85 11.03 2.89
CA TYR F 161 3.82 10.00 2.71
C TYR F 161 4.17 8.82 3.59
N GLN F 162 3.14 8.23 4.21
CA GLN F 162 3.32 7.08 5.10
C GLN F 162 2.97 5.81 4.33
N LEU F 163 3.99 5.11 3.84
CA LEU F 163 3.78 3.83 3.17
C LEU F 163 3.12 2.85 4.13
N LYS F 164 2.16 2.08 3.61
CA LYS F 164 1.41 1.18 4.45
C LYS F 164 1.25 -0.16 3.75
N GLY F 165 0.90 -1.18 4.53
CA GLY F 165 0.75 -2.51 3.98
C GLY F 165 2.04 -3.19 3.55
N LEU F 166 3.16 -2.86 4.19
CA LEU F 166 4.40 -3.61 3.95
C LEU F 166 4.37 -4.92 4.72
N GLU F 167 5.06 -5.93 4.18
CA GLU F 167 5.20 -7.19 4.92
C GLU F 167 6.17 -7.01 6.09
N PRO F 168 5.94 -7.69 7.20
CA PRO F 168 6.89 -7.60 8.32
C PRO F 168 8.15 -8.44 8.10
N GLU F 169 9.20 -8.11 8.85
CA GLU F 169 10.53 -8.73 8.68
C GLU F 169 10.89 -8.85 7.20
N THR F 170 10.80 -7.74 6.49
CA THR F 170 11.10 -7.72 5.07
C THR F 170 11.99 -6.53 4.74
N ALA F 171 12.93 -6.74 3.82
CA ALA F 171 13.84 -5.70 3.36
C ALA F 171 13.35 -5.15 2.03
N TYR F 172 13.17 -3.83 1.95
CA TYR F 172 12.67 -3.17 0.75
C TYR F 172 13.75 -2.27 0.16
N GLN F 173 13.82 -2.25 -1.16
CA GLN F 173 14.52 -1.17 -1.87
C GLN F 173 13.52 -0.05 -2.17
N VAL F 174 13.88 1.17 -1.78
CA VAL F 174 13.02 2.33 -1.92
C VAL F 174 13.72 3.33 -2.81
N ASP F 175 13.06 3.70 -3.91
CA ASP F 175 13.53 4.79 -4.75
C ASP F 175 12.50 5.91 -4.80
N ILE F 176 12.99 7.13 -4.96
CA ILE F 176 12.16 8.31 -5.15
C ILE F 176 12.69 9.04 -6.36
N PHE F 177 11.84 9.27 -7.35
CA PHE F 177 12.24 10.11 -8.47
C PHE F 177 11.19 11.18 -8.72
N ALA F 178 11.59 12.14 -9.54
CA ALA F 178 10.76 13.25 -9.95
C ALA F 178 10.55 13.17 -11.44
N GLU F 179 9.40 13.68 -11.89
CA GLU F 179 9.07 13.72 -13.31
C GLU F 179 8.70 15.14 -13.70
N ASN F 180 9.20 15.59 -14.85
CA ASN F 180 8.77 16.85 -15.46
C ASN F 180 8.61 16.63 -16.96
N ASN F 181 8.39 17.72 -17.70
CA ASN F 181 7.98 17.62 -19.09
C ASN F 181 8.96 16.82 -19.95
N ILE F 182 10.20 16.64 -19.52
CA ILE F 182 11.22 15.96 -20.32
C ILE F 182 11.32 14.49 -19.96
N GLY F 183 11.36 14.19 -18.66
CA GLY F 183 11.43 12.81 -18.24
C GLY F 183 11.53 12.74 -16.73
N SER F 184 12.07 11.62 -16.25
CA SER F 184 12.20 11.36 -14.83
C SER F 184 13.64 11.62 -14.40
N SER F 185 13.82 11.74 -13.09
CA SER F 185 15.17 12.00 -12.57
C SER F 185 16.02 10.74 -12.71
N ASN F 186 17.30 10.96 -12.93
CA ASN F 186 18.18 9.85 -13.24
C ASN F 186 18.23 8.89 -12.06
N PRO F 187 18.16 7.58 -12.31
CA PRO F 187 18.15 6.63 -11.20
C PRO F 187 19.43 6.72 -10.41
N ALA F 188 19.29 6.77 -9.09
CA ALA F 188 20.41 6.70 -8.17
C ALA F 188 20.35 5.36 -7.44
N PHE F 189 21.15 5.25 -6.38
CA PHE F 189 21.09 4.04 -5.58
C PHE F 189 19.84 4.06 -4.69
N SER F 190 19.33 2.87 -4.38
CA SER F 190 18.13 2.77 -3.59
C SER F 190 18.40 3.06 -2.13
N HIS F 191 17.36 3.49 -1.43
CA HIS F 191 17.40 3.50 0.02
C HIS F 191 17.01 2.13 0.58
N GLU F 192 17.37 1.91 1.84
CA GLU F 192 17.17 0.63 2.50
C GLU F 192 16.08 0.79 3.55
N LEU F 193 15.25 -0.23 3.69
CA LEU F 193 14.13 -0.16 4.62
C LEU F 193 13.83 -1.58 5.06
N VAL F 194 13.87 -1.84 6.36
CA VAL F 194 13.64 -3.16 6.91
C VAL F 194 12.53 -3.06 7.95
N THR F 195 11.38 -3.67 7.66
CA THR F 195 10.26 -3.61 8.59
C THR F 195 10.51 -4.50 9.80
N LEU F 196 9.97 -4.07 10.94
CA LEU F 196 10.08 -4.85 12.16
C LEU F 196 9.26 -6.14 12.06
N PRO F 197 9.58 -7.11 12.91
CA PRO F 197 8.73 -8.29 13.03
C PRO F 197 7.37 -7.93 13.63
N GLU F 198 6.37 -8.75 13.29
CA GLU F 198 5.03 -8.61 13.87
C GLU F 198 5.07 -8.81 15.38
N SER F 199 4.45 -7.89 16.11
CA SER F 199 4.11 -8.20 17.49
C SER F 199 2.71 -7.69 17.84
#